data_6ICQ
#
_entry.id   6ICQ
#
_cell.length_a   135.946
_cell.length_b   135.946
_cell.length_c   155.637
_cell.angle_alpha   90.00
_cell.angle_beta   90.00
_cell.angle_gamma   120.00
#
_symmetry.space_group_name_H-M   'P 32 2 1'
#
loop_
_entity.id
_entity.type
_entity.pdbx_description
1 polymer 'Methylxanthine N1-demethylase NdmA'
2 non-polymer 'FE2/S2 (INORGANIC) CLUSTER'
3 non-polymer 'FE (III) ION'
4 non-polymer THEOBROMINE
5 water water
#
_entity_poly.entity_id   1
_entity_poly.type   'polypeptide(L)'
_entity_poly.pdbx_seq_one_letter_code
;MGSSHHHHHHENLYFQGSMEQAIINDEREYLRHFWHPVCTVTELEKAHPSSLGPLAVKLLNEQLVVAKLGDEYVAMRDRC
AHRSAKLSLGTVSGNRLQCPYHGWQYDTHGACQLVPACPNSPIPNKAKVDRFDCEERYGLIWIRLDSSFDCTEIPYFSAA
NDPRLRIVIQEPYWWDATAERRWENFTDFSHFAFIHPGTLFDPNNAEPPIVPMDRFNGQFRFVYDTPEDMAVPNQAPIGS
FSYTCSMPFAINLEVSKYSSSSLHVLFNVSCPVDSHTTKNFLIFAREQSDDSDYLHIAFQDLVLAEDKPVIESQWPKDAP
ADEVSVVADKVSIQYRKWLRELKEAHKEGSQAFRSALLDPVIESDRSYI
;
_entity_poly.pdbx_strand_id   A,B,C
#
loop_
_chem_comp.id
_chem_comp.type
_chem_comp.name
_chem_comp.formula
37T non-polymer THEOBROMINE 'C7 H8 N4 O2'
FE non-polymer 'FE (III) ION' 'Fe 3'
FES non-polymer 'FE2/S2 (INORGANIC) CLUSTER' 'Fe2 S2'
#
# COMPACT_ATOMS: atom_id res chain seq x y z
N ASN A 25 -12.63 1.93 12.91
CA ASN A 25 -12.65 1.19 14.17
C ASN A 25 -14.09 1.00 14.65
N ASP A 26 -14.24 0.45 15.85
CA ASP A 26 -15.52 0.26 16.53
C ASP A 26 -16.21 1.57 16.90
N GLU A 27 -15.51 2.70 16.75
CA GLU A 27 -16.17 4.00 16.87
C GLU A 27 -17.21 4.23 15.79
N ARG A 28 -17.28 3.36 14.80
CA ARG A 28 -18.16 3.59 13.67
C ARG A 28 -19.41 2.73 13.72
N GLU A 29 -19.50 1.83 14.70
CA GLU A 29 -20.61 0.90 14.77
C GLU A 29 -21.94 1.62 14.72
N TYR A 30 -22.07 2.76 15.41
CA TYR A 30 -23.36 3.43 15.49
C TYR A 30 -23.84 3.95 14.14
N LEU A 31 -22.93 4.20 13.19
CA LEU A 31 -23.33 4.68 11.86
C LEU A 31 -24.08 3.62 11.07
N ARG A 32 -23.92 2.34 11.42
CA ARG A 32 -24.61 1.27 10.71
C ARG A 32 -26.12 1.38 10.86
N HIS A 33 -26.58 2.12 11.87
CA HIS A 33 -28.01 2.23 12.14
C HIS A 33 -28.72 3.22 11.26
N PHE A 34 -27.98 4.05 10.50
CA PHE A 34 -28.58 5.04 9.63
C PHE A 34 -28.65 4.54 8.19
N TRP A 35 -29.53 5.17 7.43
CA TRP A 35 -29.59 4.99 5.98
C TRP A 35 -28.51 5.84 5.33
N HIS A 36 -27.72 5.21 4.45
CA HIS A 36 -26.70 5.91 3.69
C HIS A 36 -26.91 5.67 2.20
N PRO A 37 -26.64 6.66 1.36
CA PRO A 37 -26.75 6.44 -0.08
C PRO A 37 -25.53 5.69 -0.58
N VAL A 38 -25.71 4.78 -1.52
CA VAL A 38 -24.56 4.04 -2.04
C VAL A 38 -24.31 4.27 -3.52
N CYS A 39 -25.32 4.64 -4.30
CA CYS A 39 -25.14 4.85 -5.72
C CYS A 39 -26.36 5.61 -6.23
N THR A 40 -26.25 6.21 -7.41
CA THR A 40 -27.43 6.72 -8.07
C THR A 40 -28.14 5.56 -8.78
N VAL A 41 -29.44 5.74 -9.04
CA VAL A 41 -30.16 4.78 -9.88
C VAL A 41 -29.51 4.68 -11.25
N THR A 42 -29.08 5.83 -11.81
CA THR A 42 -28.34 5.83 -13.07
C THR A 42 -27.11 4.92 -13.01
N GLU A 43 -26.33 4.99 -11.92
CA GLU A 43 -25.16 4.13 -11.79
C GLU A 43 -25.54 2.65 -11.79
N LEU A 44 -26.61 2.30 -11.09
CA LEU A 44 -27.06 0.91 -11.09
C LEU A 44 -27.44 0.46 -12.50
N GLU A 45 -28.19 1.29 -13.23
CA GLU A 45 -28.66 0.90 -14.56
C GLU A 45 -27.52 0.79 -15.57
N LYS A 46 -26.47 1.62 -15.41
CA LYS A 46 -25.34 1.58 -16.31
C LYS A 46 -24.36 0.45 -16.01
N ALA A 47 -24.45 -0.16 -14.83
CA ALA A 47 -23.40 -1.09 -14.39
C ALA A 47 -23.31 -2.30 -15.32
N HIS A 48 -24.46 -2.79 -15.77
CA HIS A 48 -24.57 -4.04 -16.51
C HIS A 48 -25.51 -3.79 -17.69
N PRO A 49 -25.25 -4.44 -18.84
CA PRO A 49 -26.11 -4.23 -20.04
C PRO A 49 -27.59 -4.49 -19.82
N SER A 50 -27.95 -5.37 -18.89
CA SER A 50 -29.36 -5.65 -18.63
C SER A 50 -30.12 -4.46 -18.04
N SER A 51 -29.41 -3.47 -17.50
CA SER A 51 -29.92 -2.30 -16.75
C SER A 51 -30.46 -2.66 -15.36
N LEU A 52 -30.32 -3.91 -14.92
CA LEU A 52 -30.85 -4.36 -13.64
C LEU A 52 -29.75 -4.52 -12.58
N GLY A 53 -28.54 -4.09 -12.88
CA GLY A 53 -27.38 -4.47 -12.09
C GLY A 53 -26.92 -5.88 -12.47
N PRO A 54 -26.12 -6.53 -11.61
CA PRO A 54 -25.71 -6.08 -10.27
C PRO A 54 -24.64 -5.00 -10.29
N LEU A 55 -24.53 -4.26 -9.19
CA LEU A 55 -23.50 -3.25 -9.03
C LEU A 55 -22.84 -3.47 -7.68
N ALA A 56 -21.51 -3.53 -7.67
CA ALA A 56 -20.81 -3.61 -6.39
C ALA A 56 -20.72 -2.23 -5.76
N VAL A 57 -20.97 -2.15 -4.44
CA VAL A 57 -20.86 -0.89 -3.68
C VAL A 57 -20.19 -1.22 -2.36
N LYS A 58 -19.67 -0.19 -1.69
CA LYS A 58 -18.98 -0.35 -0.42
C LYS A 58 -19.51 0.67 0.54
N LEU A 59 -19.84 0.24 1.76
CA LEU A 59 -20.44 1.14 2.75
C LEU A 59 -19.87 0.74 4.10
N LEU A 60 -19.24 1.70 4.80
CA LEU A 60 -18.64 1.42 6.12
C LEU A 60 -17.77 0.17 6.08
N ASN A 61 -16.97 0.07 5.01
CA ASN A 61 -16.05 -1.05 4.74
C ASN A 61 -16.74 -2.40 4.54
N GLU A 62 -18.05 -2.43 4.30
CA GLU A 62 -18.73 -3.67 3.91
C GLU A 62 -18.84 -3.73 2.39
N GLN A 63 -18.53 -4.88 1.80
CA GLN A 63 -18.65 -5.07 0.36
C GLN A 63 -20.04 -5.64 0.07
N LEU A 64 -20.86 -4.86 -0.62
CA LEU A 64 -22.25 -5.18 -0.86
C LEU A 64 -22.51 -5.23 -2.35
N VAL A 65 -23.64 -5.82 -2.73
CA VAL A 65 -24.08 -5.82 -4.11
C VAL A 65 -25.52 -5.37 -4.17
N VAL A 66 -25.85 -4.54 -5.15
CA VAL A 66 -27.21 -4.02 -5.35
C VAL A 66 -27.74 -4.51 -6.69
N ALA A 67 -29.02 -4.88 -6.74
CA ALA A 67 -29.62 -5.30 -8.00
C ALA A 67 -31.12 -5.03 -7.95
N LYS A 68 -31.72 -4.88 -9.13
CA LYS A 68 -33.17 -4.75 -9.23
C LYS A 68 -33.75 -6.15 -9.47
N LEU A 69 -34.42 -6.69 -8.48
CA LEU A 69 -34.99 -8.04 -8.55
C LEU A 69 -36.50 -7.87 -8.57
N GLY A 70 -37.10 -8.05 -9.75
CA GLY A 70 -38.52 -7.74 -9.88
C GLY A 70 -38.74 -6.26 -9.69
N ASP A 71 -39.69 -5.90 -8.84
CA ASP A 71 -39.98 -4.49 -8.62
C ASP A 71 -39.20 -3.89 -7.46
N GLU A 72 -38.21 -4.60 -6.92
CA GLU A 72 -37.56 -4.20 -5.69
C GLU A 72 -36.06 -4.02 -5.90
N TYR A 73 -35.48 -2.99 -5.28
CA TYR A 73 -34.02 -2.87 -5.16
C TYR A 73 -33.56 -3.65 -3.94
N VAL A 74 -32.60 -4.55 -4.14
CA VAL A 74 -32.14 -5.46 -3.10
C VAL A 74 -30.65 -5.24 -2.87
N ALA A 75 -30.24 -5.26 -1.60
CA ALA A 75 -28.83 -5.20 -1.23
C ALA A 75 -28.44 -6.47 -0.48
N MET A 76 -27.39 -7.14 -0.94
CA MET A 76 -26.85 -8.33 -0.27
C MET A 76 -25.36 -8.15 -0.04
N ARG A 77 -24.81 -8.96 0.86
CA ARG A 77 -23.36 -9.07 0.94
C ARG A 77 -22.80 -9.61 -0.38
N ASP A 78 -21.72 -8.99 -0.87
CA ASP A 78 -21.16 -9.35 -2.19
C ASP A 78 -20.24 -10.58 -2.07
N ARG A 79 -20.82 -11.72 -1.70
CA ARG A 79 -20.02 -12.91 -1.39
C ARG A 79 -20.95 -14.12 -1.39
N CYS A 80 -20.79 -15.00 -2.36
CA CYS A 80 -21.64 -16.18 -2.47
C CYS A 80 -21.37 -17.14 -1.32
N ALA A 81 -22.43 -17.76 -0.79
CA ALA A 81 -22.30 -18.74 0.31
C ALA A 81 -21.56 -20.01 -0.10
N HIS A 82 -21.49 -20.32 -1.40
CA HIS A 82 -20.89 -21.57 -1.86
C HIS A 82 -19.37 -21.53 -1.78
N ARG A 83 -18.73 -20.75 -2.67
CA ARG A 83 -17.27 -20.66 -2.67
C ARG A 83 -16.79 -19.21 -2.68
N SER A 84 -17.61 -18.28 -2.19
CA SER A 84 -17.20 -16.91 -1.86
C SER A 84 -16.87 -16.04 -3.08
N ALA A 85 -17.32 -16.41 -4.29
CA ALA A 85 -17.17 -15.51 -5.42
C ALA A 85 -18.02 -14.25 -5.24
N LYS A 86 -17.64 -13.18 -5.93
CA LYS A 86 -18.44 -11.95 -5.85
C LYS A 86 -19.70 -12.08 -6.72
N LEU A 87 -20.86 -11.96 -6.09
CA LEU A 87 -22.12 -11.94 -6.82
C LEU A 87 -22.24 -10.73 -7.74
N SER A 88 -21.48 -9.66 -7.48
CA SER A 88 -21.49 -8.51 -8.38
C SER A 88 -20.89 -8.79 -9.76
N LEU A 89 -20.19 -9.92 -9.94
CA LEU A 89 -19.78 -10.34 -11.27
C LEU A 89 -20.82 -11.24 -11.94
N GLY A 90 -21.97 -11.43 -11.31
CA GLY A 90 -23.01 -12.31 -11.81
C GLY A 90 -24.04 -11.58 -12.64
N THR A 91 -25.26 -12.12 -12.65
CA THR A 91 -26.31 -11.60 -13.53
C THR A 91 -27.66 -11.76 -12.86
N VAL A 92 -28.57 -10.83 -13.14
CA VAL A 92 -29.94 -10.93 -12.69
C VAL A 92 -30.67 -11.87 -13.64
N SER A 93 -31.31 -12.90 -13.08
CA SER A 93 -32.06 -13.88 -13.86
C SER A 93 -33.46 -13.93 -13.26
N GLY A 94 -34.43 -13.44 -14.00
CA GLY A 94 -35.77 -13.33 -13.46
C GLY A 94 -35.75 -12.34 -12.31
N ASN A 95 -36.23 -12.79 -11.16
CA ASN A 95 -36.21 -11.97 -9.95
C ASN A 95 -35.16 -12.46 -8.98
N ARG A 96 -34.07 -13.03 -9.51
CA ARG A 96 -33.01 -13.58 -8.67
C ARG A 96 -31.65 -13.08 -9.13
N LEU A 97 -30.68 -13.12 -8.23
CA LEU A 97 -29.29 -12.80 -8.54
C LEU A 97 -28.50 -14.10 -8.66
N GLN A 98 -27.92 -14.33 -9.83
CA GLN A 98 -27.20 -15.56 -10.13
C GLN A 98 -25.69 -15.36 -10.00
N CYS A 99 -25.05 -16.21 -9.20
CA CYS A 99 -23.60 -16.14 -9.03
C CYS A 99 -22.88 -16.47 -10.33
N PRO A 100 -21.75 -15.80 -10.61
CA PRO A 100 -21.02 -16.08 -11.86
C PRO A 100 -20.31 -17.43 -11.89
N TYR A 101 -20.08 -18.09 -10.75
CA TYR A 101 -19.16 -19.23 -10.71
C TYR A 101 -19.90 -20.53 -10.98
N HIS A 102 -20.78 -20.96 -10.06
CA HIS A 102 -21.53 -22.18 -10.32
C HIS A 102 -23.04 -21.93 -10.40
N GLY A 103 -23.45 -20.68 -10.60
CA GLY A 103 -24.82 -20.41 -10.96
C GLY A 103 -25.87 -20.49 -9.88
N TRP A 104 -25.49 -20.52 -8.60
CA TRP A 104 -26.51 -20.48 -7.54
C TRP A 104 -27.34 -19.20 -7.68
N GLN A 105 -28.65 -19.31 -7.48
CA GLN A 105 -29.53 -18.15 -7.63
C GLN A 105 -30.11 -17.75 -6.28
N TYR A 106 -30.02 -16.46 -5.97
CA TYR A 106 -30.45 -15.93 -4.68
C TYR A 106 -31.68 -15.05 -4.87
N ASP A 107 -32.66 -15.21 -3.97
CA ASP A 107 -33.90 -14.44 -4.05
C ASP A 107 -33.77 -13.13 -3.29
N THR A 108 -34.86 -12.35 -3.24
CA THR A 108 -34.79 -11.03 -2.61
C THR A 108 -34.46 -11.10 -1.13
N HIS A 109 -34.60 -12.25 -0.50
CA HIS A 109 -34.27 -12.40 0.91
C HIS A 109 -32.86 -12.96 1.11
N GLY A 110 -32.08 -13.08 0.05
CA GLY A 110 -30.74 -13.63 0.17
C GLY A 110 -30.69 -15.15 0.24
N ALA A 111 -31.80 -15.83 0.02
CA ALA A 111 -31.84 -17.29 0.14
C ALA A 111 -31.61 -17.95 -1.22
N CYS A 112 -30.76 -18.99 -1.25
CA CYS A 112 -30.54 -19.70 -2.50
C CYS A 112 -31.76 -20.55 -2.83
N GLN A 113 -32.23 -20.43 -4.08
CA GLN A 113 -33.40 -21.17 -4.54
C GLN A 113 -33.10 -22.11 -5.68
N LEU A 114 -31.88 -22.11 -6.21
CA LEU A 114 -31.50 -23.05 -7.26
C LEU A 114 -30.01 -23.36 -7.16
N VAL A 115 -29.68 -24.65 -7.12
CA VAL A 115 -28.31 -25.14 -7.21
C VAL A 115 -28.22 -25.91 -8.51
N PRO A 116 -27.71 -25.32 -9.59
CA PRO A 116 -27.80 -25.98 -10.90
C PRO A 116 -27.13 -27.34 -10.95
N ALA A 117 -26.07 -27.57 -10.16
CA ALA A 117 -25.37 -28.84 -10.23
C ALA A 117 -26.16 -29.99 -9.60
N CYS A 118 -27.11 -29.69 -8.70
CA CYS A 118 -27.82 -30.71 -7.91
C CYS A 118 -29.31 -30.40 -7.94
N PRO A 119 -29.90 -30.27 -9.13
CA PRO A 119 -31.17 -29.54 -9.22
C PRO A 119 -32.29 -30.18 -8.41
N ASN A 120 -32.23 -31.50 -8.17
CA ASN A 120 -33.25 -32.21 -7.41
C ASN A 120 -32.88 -32.43 -5.94
N SER A 121 -31.61 -32.34 -5.57
CA SER A 121 -31.23 -32.52 -4.18
C SER A 121 -31.74 -31.34 -3.34
N PRO A 122 -31.87 -31.52 -2.02
CA PRO A 122 -32.28 -30.40 -1.18
C PRO A 122 -31.17 -29.37 -1.05
N ILE A 123 -31.55 -28.10 -1.09
CA ILE A 123 -30.58 -26.99 -0.97
C ILE A 123 -30.14 -26.88 0.48
N PRO A 124 -28.84 -26.78 0.76
CA PRO A 124 -28.40 -26.65 2.15
C PRO A 124 -29.08 -25.50 2.88
N ASN A 125 -29.39 -25.75 4.15
CA ASN A 125 -30.01 -24.74 4.99
C ASN A 125 -29.16 -23.48 5.09
N LYS A 126 -27.84 -23.61 5.04
CA LYS A 126 -26.96 -22.44 5.16
C LYS A 126 -26.67 -21.76 3.82
N ALA A 127 -27.32 -22.19 2.74
CA ALA A 127 -27.11 -21.60 1.43
C ALA A 127 -27.89 -20.29 1.37
N LYS A 128 -27.33 -19.25 1.98
CA LYS A 128 -27.98 -17.95 2.01
C LYS A 128 -26.91 -16.91 2.32
N VAL A 129 -27.19 -15.67 1.94
CA VAL A 129 -26.29 -14.56 2.21
C VAL A 129 -27.07 -13.46 2.91
N ASP A 130 -26.38 -12.66 3.72
CA ASP A 130 -27.03 -11.56 4.44
C ASP A 130 -27.60 -10.54 3.47
N ARG A 131 -28.84 -10.08 3.72
CA ARG A 131 -29.40 -8.98 2.97
C ARG A 131 -29.70 -7.81 3.92
N PHE A 132 -29.88 -6.63 3.34
CA PHE A 132 -29.97 -5.40 4.11
C PHE A 132 -31.09 -4.54 3.56
N ASP A 133 -31.75 -3.79 4.46
CA ASP A 133 -32.75 -2.83 4.02
C ASP A 133 -32.19 -1.93 2.92
N CYS A 134 -32.95 -1.79 1.83
CA CYS A 134 -32.47 -1.09 0.64
C CYS A 134 -33.66 -0.45 -0.05
N GLU A 135 -33.60 0.87 -0.29
CA GLU A 135 -34.71 1.59 -0.90
C GLU A 135 -34.18 2.64 -1.86
N GLU A 136 -34.93 2.88 -2.93
CA GLU A 136 -34.70 4.04 -3.78
C GLU A 136 -35.44 5.25 -3.23
N ARG A 137 -34.79 6.41 -3.24
CA ARG A 137 -35.50 7.66 -2.98
C ARG A 137 -34.68 8.81 -3.56
N TYR A 138 -35.36 9.71 -4.27
CA TYR A 138 -34.74 10.88 -4.89
C TYR A 138 -33.78 10.52 -6.01
N GLY A 139 -33.85 9.30 -6.54
CA GLY A 139 -32.92 8.91 -7.58
C GLY A 139 -31.62 8.35 -7.06
N LEU A 140 -31.52 8.14 -5.75
CA LEU A 140 -30.40 7.46 -5.11
C LEU A 140 -30.89 6.13 -4.53
N ILE A 141 -29.94 5.21 -4.35
CA ILE A 141 -30.18 3.94 -3.66
C ILE A 141 -29.60 4.06 -2.26
N TRP A 142 -30.43 3.76 -1.25
CA TRP A 142 -30.09 3.91 0.16
C TRP A 142 -30.04 2.54 0.83
N ILE A 143 -29.06 2.32 1.72
CA ILE A 143 -28.93 1.05 2.44
C ILE A 143 -28.80 1.34 3.93
N ARG A 144 -29.51 0.57 4.76
CA ARG A 144 -29.32 0.62 6.21
C ARG A 144 -28.79 -0.74 6.64
N LEU A 145 -27.56 -0.76 7.18
CA LEU A 145 -26.91 -2.04 7.47
C LEU A 145 -27.49 -2.71 8.72
N ASP A 146 -27.93 -1.95 9.71
CA ASP A 146 -28.42 -2.52 10.96
C ASP A 146 -29.79 -1.90 11.22
N SER A 147 -30.84 -2.70 11.11
CA SER A 147 -32.19 -2.22 11.30
C SER A 147 -32.76 -2.57 12.67
N SER A 148 -31.93 -3.05 13.59
CA SER A 148 -32.46 -3.61 14.85
C SER A 148 -32.98 -2.54 15.78
N PHE A 149 -32.50 -1.29 15.68
CA PHE A 149 -33.07 -0.24 16.52
C PHE A 149 -34.35 0.33 15.90
N ASP A 150 -34.48 0.22 14.58
CA ASP A 150 -35.69 0.60 13.85
C ASP A 150 -36.22 1.98 14.25
N CYS A 151 -35.33 2.99 14.24
CA CYS A 151 -35.80 4.33 14.53
C CYS A 151 -35.18 5.40 13.62
N THR A 152 -34.56 5.02 12.51
CA THR A 152 -33.97 5.99 11.58
C THR A 152 -34.72 5.94 10.25
N GLU A 153 -34.67 7.06 9.53
CA GLU A 153 -35.35 7.21 8.25
C GLU A 153 -34.40 7.79 7.20
N ILE A 154 -34.75 7.57 5.95
CA ILE A 154 -34.00 8.20 4.85
C ILE A 154 -34.05 9.72 4.98
N PRO A 155 -32.91 10.42 4.84
CA PRO A 155 -32.89 11.89 4.96
C PRO A 155 -33.89 12.66 4.11
N TYR A 156 -34.19 13.89 4.54
CA TYR A 156 -35.20 14.75 3.91
C TYR A 156 -34.60 15.62 2.82
N PHE A 157 -35.23 15.60 1.64
CA PHE A 157 -34.92 16.46 0.50
C PHE A 157 -36.18 17.27 0.21
N SER A 158 -36.11 18.59 0.40
CA SER A 158 -37.31 19.42 0.39
C SER A 158 -37.89 19.61 -1.01
N ALA A 159 -37.08 19.45 -2.06
CA ALA A 159 -37.59 19.73 -3.40
C ALA A 159 -38.31 18.55 -4.03
N ALA A 160 -38.26 17.38 -3.40
CA ALA A 160 -38.95 16.23 -3.96
C ALA A 160 -40.45 16.52 -4.06
N ASN A 161 -41.02 16.18 -5.22
CA ASN A 161 -42.46 16.35 -5.46
C ASN A 161 -42.90 17.81 -5.38
N ASP A 162 -42.05 18.75 -5.77
CA ASP A 162 -42.44 20.15 -5.90
C ASP A 162 -42.39 20.50 -7.37
N PRO A 163 -43.53 20.53 -8.08
CA PRO A 163 -43.50 20.71 -9.54
C PRO A 163 -42.98 22.06 -9.99
N ARG A 164 -42.84 23.03 -9.10
CA ARG A 164 -42.24 24.29 -9.51
C ARG A 164 -40.75 24.17 -9.80
N LEU A 165 -40.12 23.05 -9.47
CA LEU A 165 -38.66 22.97 -9.44
C LEU A 165 -38.16 21.93 -10.44
N ARG A 166 -37.11 22.28 -11.18
CA ARG A 166 -36.38 21.34 -12.01
C ARG A 166 -35.23 20.77 -11.20
N ILE A 167 -35.15 19.44 -11.12
CA ILE A 167 -34.19 18.73 -10.28
C ILE A 167 -33.11 18.11 -11.17
N VAL A 168 -31.85 18.27 -10.77
CA VAL A 168 -30.70 17.68 -11.47
C VAL A 168 -29.87 16.89 -10.45
N ILE A 169 -29.61 15.62 -10.75
CA ILE A 169 -28.78 14.76 -9.91
C ILE A 169 -27.37 14.77 -10.50
N GLN A 170 -26.39 15.32 -9.79
CA GLN A 170 -25.03 15.33 -10.31
C GLN A 170 -24.40 13.94 -10.23
N GLU A 171 -23.36 13.74 -11.02
CA GLU A 171 -22.61 12.50 -10.87
C GLU A 171 -21.89 12.51 -9.52
N PRO A 172 -21.78 11.36 -8.86
CA PRO A 172 -21.10 11.32 -7.56
C PRO A 172 -19.64 11.74 -7.70
N TYR A 173 -19.09 12.26 -6.61
CA TYR A 173 -17.69 12.64 -6.55
C TYR A 173 -17.02 12.02 -5.32
N TRP A 174 -15.81 11.52 -5.50
CA TRP A 174 -15.08 10.81 -4.46
C TRP A 174 -14.03 11.73 -3.86
N TRP A 175 -13.99 11.81 -2.53
CA TRP A 175 -12.96 12.59 -1.83
C TRP A 175 -12.23 11.69 -0.85
N ASP A 176 -10.92 11.92 -0.70
CA ASP A 176 -10.14 11.28 0.34
C ASP A 176 -10.31 12.06 1.67
N ALA A 177 -11.55 12.06 2.17
CA ALA A 177 -11.90 12.72 3.42
C ALA A 177 -13.14 12.05 3.99
N THR A 178 -13.28 12.10 5.31
CA THR A 178 -14.41 11.45 5.97
C THR A 178 -15.70 12.24 5.79
N ALA A 179 -16.82 11.54 6.02
CA ALA A 179 -18.13 12.18 5.90
C ALA A 179 -18.30 13.29 6.93
N GLU A 180 -17.73 13.11 8.13
CA GLU A 180 -17.83 14.18 9.13
C GLU A 180 -17.12 15.45 8.66
N ARG A 181 -15.92 15.31 8.11
CA ARG A 181 -15.22 16.51 7.66
C ARG A 181 -15.91 17.12 6.45
N ARG A 182 -16.53 16.29 5.61
CA ARG A 182 -17.26 16.83 4.47
C ARG A 182 -18.47 17.63 4.93
N TRP A 183 -19.22 17.10 5.90
CA TRP A 183 -20.38 17.81 6.44
C TRP A 183 -19.97 19.17 6.98
N GLU A 184 -18.90 19.22 7.79
CA GLU A 184 -18.49 20.50 8.36
C GLU A 184 -18.02 21.47 7.30
N ASN A 185 -17.43 20.96 6.22
CA ASN A 185 -17.06 21.86 5.11
C ASN A 185 -18.32 22.44 4.45
N PHE A 186 -19.32 21.60 4.21
CA PHE A 186 -20.51 22.07 3.50
C PHE A 186 -21.25 23.16 4.29
N THR A 187 -21.33 23.03 5.62
CA THR A 187 -22.11 23.98 6.43
C THR A 187 -21.31 25.17 6.92
N ASP A 188 -20.03 25.25 6.64
CA ASP A 188 -19.22 26.37 7.11
C ASP A 188 -19.23 27.50 6.08
N PHE A 189 -19.36 28.74 6.56
CA PHE A 189 -19.24 29.95 5.74
C PHE A 189 -17.88 30.64 5.88
N SER A 190 -17.20 30.40 7.00
CA SER A 190 -15.93 31.05 7.33
C SER A 190 -14.88 30.92 6.23
N HIS A 191 -14.91 29.83 5.46
CA HIS A 191 -13.83 29.56 4.51
C HIS A 191 -14.03 30.24 3.16
N PHE A 192 -15.14 30.95 2.95
CA PHE A 192 -15.46 31.44 1.60
C PHE A 192 -14.41 32.42 1.08
N ALA A 193 -13.92 33.34 1.91
CA ALA A 193 -12.95 34.32 1.42
C ALA A 193 -11.65 33.68 0.99
N PHE A 194 -11.33 32.49 1.50
CA PHE A 194 -10.02 31.89 1.29
C PHE A 194 -10.04 30.75 0.29
N ILE A 195 -11.13 30.01 0.23
CA ILE A 195 -11.24 28.88 -0.70
C ILE A 195 -12.06 29.29 -1.90
N HIS A 196 -13.07 30.15 -1.69
CA HIS A 196 -14.01 30.49 -2.77
C HIS A 196 -14.07 32.01 -3.04
N PRO A 197 -12.95 32.71 -3.18
CA PRO A 197 -13.03 34.19 -3.23
C PRO A 197 -13.74 34.71 -4.48
N GLY A 198 -13.66 34.01 -5.60
CA GLY A 198 -14.32 34.43 -6.81
C GLY A 198 -15.62 33.74 -7.12
N THR A 199 -16.04 32.79 -6.28
CA THR A 199 -17.24 32.00 -6.55
C THR A 199 -18.33 32.22 -5.53
N LEU A 200 -18.04 32.05 -4.23
CA LEU A 200 -19.07 32.15 -3.20
C LEU A 200 -18.91 33.34 -2.27
N PHE A 201 -17.70 33.89 -2.14
CA PHE A 201 -17.45 34.93 -1.15
C PHE A 201 -18.22 36.20 -1.48
N ASP A 202 -18.89 36.76 -0.47
CA ASP A 202 -19.63 38.02 -0.62
C ASP A 202 -18.91 39.10 0.16
N PRO A 203 -18.23 40.03 -0.49
CA PRO A 203 -17.48 41.05 0.26
C PRO A 203 -18.37 41.93 1.13
N ASN A 204 -19.67 41.99 0.86
CA ASN A 204 -20.60 42.82 1.62
C ASN A 204 -21.29 42.07 2.75
N ASN A 205 -21.00 40.79 2.93
CA ASN A 205 -21.53 40.01 4.05
C ASN A 205 -20.41 39.47 4.94
N ALA A 206 -19.42 38.80 4.37
CA ALA A 206 -18.19 38.38 5.05
C ALA A 206 -18.45 37.37 6.16
N GLU A 207 -18.91 37.81 7.34
CA GLU A 207 -19.09 36.91 8.49
C GLU A 207 -20.54 36.94 8.98
N PRO A 208 -21.40 36.10 8.42
CA PRO A 208 -22.72 35.80 9.02
C PRO A 208 -22.61 35.60 10.54
N PRO A 209 -23.56 36.12 11.30
CA PRO A 209 -23.53 35.91 12.74
C PRO A 209 -24.02 34.51 13.11
N ILE A 210 -23.59 34.08 14.30
CA ILE A 210 -24.06 32.83 14.88
C ILE A 210 -25.58 32.82 14.97
N VAL A 211 -26.20 31.68 14.71
CA VAL A 211 -27.66 31.59 14.71
C VAL A 211 -28.08 30.51 15.72
N PRO A 212 -29.34 30.56 16.17
CA PRO A 212 -29.85 29.45 16.98
C PRO A 212 -30.01 28.20 16.13
N MET A 213 -29.76 27.05 16.75
CA MET A 213 -29.87 25.76 16.09
C MET A 213 -30.85 24.88 16.86
N ASP A 214 -31.78 24.27 16.14
CA ASP A 214 -32.79 23.38 16.70
C ASP A 214 -32.53 21.94 16.30
N ARG A 215 -32.71 21.02 17.24
CA ARG A 215 -32.81 19.60 16.96
C ARG A 215 -34.28 19.25 16.92
N PHE A 216 -34.73 18.65 15.83
CA PHE A 216 -36.14 18.26 15.70
C PHE A 216 -36.22 17.08 14.76
N ASN A 217 -36.75 15.96 15.25
CA ASN A 217 -37.02 14.77 14.41
C ASN A 217 -35.74 14.22 13.79
N GLY A 218 -34.63 14.26 14.53
CA GLY A 218 -33.38 13.74 14.00
C GLY A 218 -32.71 14.67 13.01
N GLN A 219 -33.12 15.93 12.96
CA GLN A 219 -32.57 16.93 12.06
C GLN A 219 -32.02 18.10 12.85
N PHE A 220 -30.91 18.66 12.38
CA PHE A 220 -30.49 20.00 12.78
C PHE A 220 -31.19 20.99 11.86
N ARG A 221 -31.83 22.00 12.45
CA ARG A 221 -32.47 23.07 11.67
C ARG A 221 -31.93 24.43 12.11
N PHE A 222 -31.51 25.24 11.14
CA PHE A 222 -31.02 26.57 11.42
C PHE A 222 -31.10 27.42 10.16
N VAL A 223 -31.29 28.72 10.35
CA VAL A 223 -31.61 29.66 9.28
C VAL A 223 -30.73 30.88 9.39
N TYR A 224 -30.20 31.33 8.25
CA TYR A 224 -29.49 32.61 8.14
C TYR A 224 -30.30 33.55 7.26
N ASP A 225 -30.39 34.82 7.68
CA ASP A 225 -31.12 35.83 6.89
C ASP A 225 -30.21 36.70 6.03
N ALA A 236 -33.73 45.55 6.41
CA ALA A 236 -34.56 44.34 6.46
C ALA A 236 -33.97 43.24 5.58
N PRO A 237 -34.04 41.99 6.05
CA PRO A 237 -33.41 40.89 5.31
C PRO A 237 -34.07 40.63 3.96
N ILE A 238 -33.24 40.34 2.96
CA ILE A 238 -33.64 40.19 1.56
C ILE A 238 -34.00 38.73 1.29
N GLY A 239 -33.25 37.80 1.88
CA GLY A 239 -33.41 36.40 1.58
C GLY A 239 -33.18 35.50 2.77
N SER A 240 -32.73 34.27 2.52
CA SER A 240 -32.65 33.28 3.58
C SER A 240 -31.84 32.09 3.10
N PHE A 241 -31.03 31.55 4.02
CA PHE A 241 -30.36 30.25 3.86
C PHE A 241 -30.91 29.34 4.95
N SER A 242 -31.72 28.37 4.57
CA SER A 242 -32.43 27.54 5.53
C SER A 242 -31.94 26.11 5.44
N TYR A 243 -31.30 25.63 6.51
CA TYR A 243 -30.69 24.30 6.55
C TYR A 243 -31.60 23.34 7.30
N THR A 244 -31.83 22.17 6.71
CA THR A 244 -32.39 21.02 7.42
C THR A 244 -31.43 19.86 7.24
N CYS A 245 -30.76 19.47 8.31
CA CYS A 245 -29.66 18.50 8.22
C CYS A 245 -30.08 17.20 8.88
N SER A 246 -30.44 16.20 8.08
CA SER A 246 -30.80 14.90 8.63
C SER A 246 -29.55 14.20 9.12
N MET A 247 -29.45 13.99 10.43
CA MET A 247 -28.25 13.40 11.00
C MET A 247 -28.08 11.97 10.48
N PRO A 248 -26.84 11.57 10.21
CA PRO A 248 -25.60 12.34 10.46
C PRO A 248 -24.97 13.07 9.28
N PHE A 249 -25.29 12.72 8.02
CA PHE A 249 -24.45 13.20 6.91
C PHE A 249 -25.19 13.90 5.78
N ALA A 250 -26.49 14.17 5.91
CA ALA A 250 -27.24 14.75 4.80
C ALA A 250 -27.59 16.20 5.09
N ILE A 251 -27.47 17.06 4.08
CA ILE A 251 -27.75 18.48 4.23
C ILE A 251 -28.72 18.92 3.15
N ASN A 252 -29.83 19.53 3.55
CA ASN A 252 -30.80 20.15 2.66
C ASN A 252 -30.71 21.66 2.86
N LEU A 253 -30.26 22.39 1.85
CA LEU A 253 -30.10 23.84 1.94
C LEU A 253 -31.07 24.52 0.97
N GLU A 254 -32.04 25.26 1.50
CA GLU A 254 -32.97 26.06 0.71
C GLU A 254 -32.48 27.50 0.68
N VAL A 255 -32.24 28.03 -0.51
CA VAL A 255 -31.81 29.41 -0.71
C VAL A 255 -32.96 30.14 -1.40
N SER A 256 -33.54 31.12 -0.72
CA SER A 256 -34.67 31.85 -1.28
C SER A 256 -34.41 33.35 -1.21
N LYS A 257 -35.08 34.07 -2.11
CA LYS A 257 -35.06 35.53 -2.15
C LYS A 257 -36.49 36.04 -2.04
N TYR A 258 -36.74 36.88 -1.06
CA TYR A 258 -38.07 37.47 -0.93
C TYR A 258 -38.25 38.57 -1.98
N SER A 259 -39.49 38.73 -2.43
CA SER A 259 -39.90 39.56 -3.57
C SER A 259 -39.47 38.98 -4.91
N SER A 260 -38.94 37.75 -4.91
CA SER A 260 -38.54 37.04 -6.12
C SER A 260 -38.97 35.58 -5.98
N SER A 261 -39.17 34.91 -7.11
CA SER A 261 -39.47 33.48 -7.11
C SER A 261 -38.29 32.72 -7.71
N SER A 262 -37.19 32.72 -6.97
CA SER A 262 -35.95 32.06 -7.39
C SER A 262 -35.46 31.12 -6.29
N LEU A 263 -36.30 30.16 -5.91
CA LEU A 263 -35.90 29.16 -4.93
C LEU A 263 -34.82 28.25 -5.52
N HIS A 264 -33.75 28.04 -4.75
CA HIS A 264 -32.69 27.11 -5.11
C HIS A 264 -32.51 26.15 -3.94
N VAL A 265 -32.42 24.85 -4.21
CA VAL A 265 -32.22 23.84 -3.17
C VAL A 265 -30.99 23.02 -3.51
N LEU A 266 -30.10 22.84 -2.54
CA LEU A 266 -28.94 21.97 -2.65
C LEU A 266 -29.07 20.86 -1.63
N PHE A 267 -28.98 19.62 -2.09
CA PHE A 267 -29.07 18.45 -1.22
C PHE A 267 -27.76 17.70 -1.36
N ASN A 268 -27.00 17.63 -0.28
CA ASN A 268 -25.69 16.99 -0.32
C ASN A 268 -25.63 15.91 0.76
N VAL A 269 -25.17 14.72 0.39
CA VAL A 269 -25.08 13.60 1.33
C VAL A 269 -23.85 12.77 0.98
N SER A 270 -23.10 12.39 2.00
CA SER A 270 -21.86 11.65 1.86
C SER A 270 -22.07 10.20 2.24
N CYS A 271 -21.61 9.29 1.38
CA CYS A 271 -21.53 7.88 1.74
C CYS A 271 -20.20 7.61 2.42
N PRO A 272 -20.18 7.18 3.68
CA PRO A 272 -18.92 6.80 4.32
C PRO A 272 -18.44 5.44 3.81
N VAL A 273 -17.55 5.47 2.82
CA VAL A 273 -17.16 4.24 2.13
C VAL A 273 -16.25 3.39 3.00
N ASP A 274 -15.22 4.01 3.56
CA ASP A 274 -14.33 3.36 4.51
C ASP A 274 -13.79 4.45 5.43
N SER A 275 -12.70 4.14 6.13
CA SER A 275 -12.22 5.05 7.18
C SER A 275 -11.71 6.37 6.65
N HIS A 276 -11.35 6.46 5.35
CA HIS A 276 -10.74 7.68 4.85
C HIS A 276 -11.34 8.19 3.55
N THR A 277 -12.48 7.64 3.12
CA THR A 277 -13.03 7.91 1.79
C THR A 277 -14.50 8.23 1.89
N THR A 278 -14.97 9.18 1.08
CA THR A 278 -16.39 9.40 0.91
C THR A 278 -16.76 9.35 -0.55
N LYS A 279 -17.95 8.81 -0.82
CA LYS A 279 -18.59 8.95 -2.12
C LYS A 279 -19.75 9.93 -1.93
N ASN A 280 -19.72 11.05 -2.63
CA ASN A 280 -20.60 12.18 -2.32
C ASN A 280 -21.61 12.42 -3.42
N PHE A 281 -22.85 12.73 -3.02
CA PHE A 281 -23.97 12.95 -3.92
C PHE A 281 -24.49 14.38 -3.74
N LEU A 282 -24.65 15.10 -4.85
CA LEU A 282 -25.25 16.43 -4.83
C LEU A 282 -26.45 16.40 -5.77
N ILE A 283 -27.60 16.83 -5.27
CA ILE A 283 -28.80 17.01 -6.08
C ILE A 283 -29.18 18.47 -5.94
N PHE A 284 -29.46 19.16 -7.05
CA PHE A 284 -29.87 20.54 -6.90
C PHE A 284 -31.14 20.81 -7.70
N ALA A 285 -31.96 21.69 -7.14
CA ALA A 285 -33.26 22.01 -7.70
C ALA A 285 -33.37 23.52 -7.84
N ARG A 286 -34.04 23.97 -8.88
CA ARG A 286 -34.17 25.41 -9.08
C ARG A 286 -35.54 25.69 -9.67
N GLU A 287 -36.14 26.79 -9.20
CA GLU A 287 -37.43 27.22 -9.71
C GLU A 287 -37.25 27.88 -11.05
N GLN A 288 -36.27 28.76 -11.13
CA GLN A 288 -35.94 29.43 -12.38
C GLN A 288 -35.07 28.50 -13.22
N SER A 289 -35.67 27.91 -14.28
CA SER A 289 -35.05 26.82 -15.03
C SER A 289 -34.99 27.00 -16.55
N ASP A 290 -35.11 28.21 -17.10
CA ASP A 290 -34.81 28.30 -18.53
C ASP A 290 -33.33 28.27 -18.84
N ASP A 291 -32.45 28.40 -17.86
CA ASP A 291 -31.06 28.44 -18.21
C ASP A 291 -30.51 27.02 -18.39
N SER A 292 -29.23 26.94 -18.69
CA SER A 292 -28.60 25.65 -18.94
C SER A 292 -28.33 24.94 -17.61
N ASP A 293 -28.68 23.65 -17.53
CA ASP A 293 -28.21 22.84 -16.41
C ASP A 293 -26.71 22.94 -16.22
N TYR A 294 -25.94 23.07 -17.32
CA TYR A 294 -24.48 23.03 -17.26
C TYR A 294 -23.87 24.32 -16.80
N LEU A 295 -24.61 25.43 -16.87
CA LEU A 295 -24.20 26.63 -16.13
C LEU A 295 -24.00 26.29 -14.66
N HIS A 296 -24.99 25.60 -14.07
CA HIS A 296 -24.97 25.28 -12.65
C HIS A 296 -24.02 24.13 -12.33
N ILE A 297 -24.04 23.08 -13.15
CA ILE A 297 -23.12 21.97 -12.92
C ILE A 297 -21.68 22.45 -12.95
N ALA A 298 -21.33 23.28 -13.95
CA ALA A 298 -19.96 23.80 -14.03
C ALA A 298 -19.61 24.61 -12.77
N PHE A 299 -20.52 25.46 -12.32
CA PHE A 299 -20.26 26.28 -11.13
C PHE A 299 -20.07 25.42 -9.89
N GLN A 300 -20.97 24.46 -9.69
CA GLN A 300 -20.84 23.57 -8.53
C GLN A 300 -19.54 22.78 -8.60
N ASP A 301 -19.15 22.33 -9.79
CA ASP A 301 -17.92 21.56 -9.94
C ASP A 301 -16.71 22.42 -9.59
N LEU A 302 -16.74 23.70 -9.96
CA LEU A 302 -15.66 24.61 -9.61
C LEU A 302 -15.56 24.78 -8.10
N VAL A 303 -16.70 24.99 -7.44
CA VAL A 303 -16.73 25.10 -5.97
C VAL A 303 -16.12 23.85 -5.34
N LEU A 304 -16.52 22.67 -5.80
CA LEU A 304 -16.01 21.44 -5.23
C LEU A 304 -14.51 21.29 -5.48
N ALA A 305 -14.06 21.70 -6.67
CA ALA A 305 -12.63 21.61 -6.97
C ALA A 305 -11.82 22.53 -6.06
N GLU A 306 -12.42 23.64 -5.62
CA GLU A 306 -11.75 24.55 -4.68
C GLU A 306 -11.65 23.94 -3.29
N ASP A 307 -12.75 23.33 -2.82
CA ASP A 307 -12.73 22.70 -1.51
C ASP A 307 -11.78 21.50 -1.45
N LYS A 308 -11.79 20.68 -2.50
CA LYS A 308 -11.27 19.31 -2.40
C LYS A 308 -9.85 19.19 -1.88
N PRO A 309 -8.85 19.90 -2.40
CA PRO A 309 -7.49 19.66 -1.88
C PRO A 309 -7.34 20.07 -0.43
N VAL A 310 -8.07 21.09 0.02
CA VAL A 310 -7.89 21.52 1.41
C VAL A 310 -8.52 20.52 2.36
N ILE A 311 -9.73 20.06 2.02
CA ILE A 311 -10.39 19.09 2.90
C ILE A 311 -9.63 17.76 2.92
N GLU A 312 -9.12 17.34 1.77
CA GLU A 312 -8.34 16.10 1.73
C GLU A 312 -7.04 16.21 2.51
N SER A 313 -6.55 17.45 2.72
CA SER A 313 -5.28 17.62 3.44
C SER A 313 -5.47 17.52 4.95
N GLN A 314 -6.70 17.63 5.44
CA GLN A 314 -6.91 17.64 6.89
C GLN A 314 -6.46 16.33 7.49
N TRP A 315 -5.65 16.41 8.56
CA TRP A 315 -5.10 15.21 9.16
C TRP A 315 -4.90 15.37 10.66
N PRO A 316 -5.13 14.29 11.42
CA PRO A 316 -5.61 12.99 10.94
C PRO A 316 -7.05 13.03 10.40
N LYS A 317 -7.46 11.97 9.70
CA LYS A 317 -8.72 11.99 8.97
C LYS A 317 -9.91 12.27 9.88
N ASP A 318 -9.95 11.65 11.07
CA ASP A 318 -10.96 11.95 12.08
C ASP A 318 -10.47 13.08 13.00
N ALA A 319 -11.34 14.06 13.26
CA ALA A 319 -10.96 15.23 14.05
C ALA A 319 -10.57 14.82 15.47
N PRO A 320 -9.37 15.10 15.91
CA PRO A 320 -8.98 14.77 17.29
C PRO A 320 -9.44 15.84 18.26
N ALA A 321 -9.28 15.52 19.55
CA ALA A 321 -9.68 16.42 20.62
C ALA A 321 -8.84 17.69 20.68
N ASP A 322 -7.68 17.72 20.03
CA ASP A 322 -6.81 18.89 20.16
C ASP A 322 -7.18 20.03 19.21
N GLU A 323 -8.18 19.89 18.35
CA GLU A 323 -8.54 20.99 17.47
C GLU A 323 -9.08 22.17 18.26
N VAL A 324 -8.79 23.37 17.79
CA VAL A 324 -9.10 24.61 18.50
C VAL A 324 -10.27 25.29 17.82
N SER A 325 -11.40 25.40 18.52
CA SER A 325 -12.57 26.08 17.97
C SER A 325 -12.61 27.55 18.40
N VAL A 326 -13.29 28.36 17.59
CA VAL A 326 -13.61 29.74 17.94
C VAL A 326 -15.13 29.89 17.87
N VAL A 327 -15.63 31.06 18.29
CA VAL A 327 -17.08 31.24 18.45
C VAL A 327 -17.79 31.11 17.11
N ALA A 328 -17.13 31.50 16.02
CA ALA A 328 -17.71 31.32 14.68
C ALA A 328 -17.99 29.86 14.32
N ASP A 329 -17.42 28.90 15.06
CA ASP A 329 -17.56 27.47 14.73
C ASP A 329 -18.78 26.82 15.36
N LYS A 330 -19.78 27.61 15.78
CA LYS A 330 -20.92 27.04 16.51
C LYS A 330 -21.51 25.81 15.80
N VAL A 331 -21.71 25.90 14.49
CA VAL A 331 -22.37 24.79 13.80
C VAL A 331 -21.55 23.52 13.93
N SER A 332 -20.24 23.62 13.68
CA SER A 332 -19.36 22.46 13.83
C SER A 332 -19.32 21.95 15.27
N ILE A 333 -19.26 22.85 16.24
CA ILE A 333 -19.23 22.43 17.63
C ILE A 333 -20.48 21.66 18.00
N GLN A 334 -21.65 22.18 17.60
CA GLN A 334 -22.89 21.51 17.97
C GLN A 334 -23.04 20.18 17.25
N TYR A 335 -22.60 20.12 15.99
CA TYR A 335 -22.60 18.86 15.25
C TYR A 335 -21.76 17.80 15.95
N ARG A 336 -20.54 18.15 16.32
CA ARG A 336 -19.69 17.16 16.98
C ARG A 336 -20.31 16.71 18.32
N LYS A 337 -20.93 17.64 19.03
CA LYS A 337 -21.55 17.30 20.32
C LYS A 337 -22.68 16.29 20.12
N TRP A 338 -23.54 16.53 19.13
CA TRP A 338 -24.64 15.58 18.90
C TRP A 338 -24.10 14.22 18.47
N LEU A 339 -23.10 14.18 17.58
CA LEU A 339 -22.53 12.89 17.17
C LEU A 339 -21.97 12.13 18.37
N ARG A 340 -21.29 12.83 19.28
CA ARG A 340 -20.80 12.18 20.49
C ARG A 340 -21.95 11.59 21.31
N GLU A 341 -23.05 12.33 21.43
CA GLU A 341 -24.21 11.83 22.16
C GLU A 341 -24.79 10.58 21.50
N LEU A 342 -24.84 10.56 20.16
CA LEU A 342 -25.39 9.41 19.46
C LEU A 342 -24.50 8.19 19.67
N LYS A 343 -23.19 8.38 19.63
CA LYS A 343 -22.27 7.27 19.84
C LYS A 343 -22.39 6.72 21.26
N GLU A 344 -22.51 7.59 22.26
CA GLU A 344 -22.66 7.11 23.63
C GLU A 344 -24.01 6.42 23.83
N ALA A 345 -25.09 7.00 23.30
CA ALA A 345 -26.41 6.38 23.44
C ALA A 345 -26.49 5.02 22.76
N HIS A 346 -25.82 4.87 21.62
CA HIS A 346 -25.80 3.57 20.96
C HIS A 346 -25.27 2.49 21.90
N LYS A 347 -24.26 2.79 22.70
CA LYS A 347 -23.72 1.80 23.63
C LYS A 347 -24.71 1.42 24.71
N GLU A 348 -25.66 2.28 25.02
CA GLU A 348 -26.66 1.97 26.04
C GLU A 348 -27.92 1.31 25.48
N GLY A 349 -28.10 1.26 24.17
CA GLY A 349 -29.13 0.44 23.58
C GLY A 349 -30.17 1.25 22.82
N SER A 350 -31.18 0.51 22.33
CA SER A 350 -32.12 1.02 21.34
C SER A 350 -32.90 2.22 21.86
N GLN A 351 -33.38 2.12 23.10
CA GLN A 351 -34.19 3.18 23.69
C GLN A 351 -33.38 4.46 23.89
N ALA A 352 -32.16 4.34 24.42
CA ALA A 352 -31.31 5.51 24.59
C ALA A 352 -30.98 6.16 23.26
N PHE A 353 -30.68 5.35 22.25
CA PHE A 353 -30.36 5.89 20.93
C PHE A 353 -31.55 6.64 20.35
N ARG A 354 -32.75 6.05 20.44
CA ARG A 354 -33.93 6.70 19.90
C ARG A 354 -34.16 8.07 20.54
N SER A 355 -33.95 8.17 21.86
CA SER A 355 -34.14 9.46 22.51
C SER A 355 -33.06 10.47 22.10
N ALA A 356 -31.81 10.04 22.06
CA ALA A 356 -30.73 10.95 21.66
C ALA A 356 -30.96 11.48 20.25
N LEU A 357 -31.46 10.64 19.35
CA LEU A 357 -31.71 11.09 17.98
C LEU A 357 -32.95 11.95 17.84
N LEU A 358 -34.08 11.56 18.45
CA LEU A 358 -35.37 12.12 18.10
C LEU A 358 -35.93 13.10 19.14
N ASP A 359 -35.37 13.17 20.34
CA ASP A 359 -35.84 14.18 21.30
C ASP A 359 -35.56 15.58 20.77
N PRO A 360 -36.52 16.50 20.86
CA PRO A 360 -36.30 17.86 20.37
C PRO A 360 -35.49 18.69 21.36
N VAL A 361 -34.70 19.61 20.81
CA VAL A 361 -33.94 20.59 21.59
C VAL A 361 -34.04 21.90 20.85
N ILE A 362 -34.90 22.81 21.31
CA ILE A 362 -35.21 24.03 20.57
C ILE A 362 -34.51 25.20 21.25
N GLU A 363 -33.82 26.02 20.47
CA GLU A 363 -33.33 27.29 21.00
C GLU A 363 -33.79 28.49 20.21
N SER A 364 -34.35 28.31 19.01
CA SER A 364 -34.96 29.43 18.31
C SER A 364 -36.38 29.62 18.82
N ASP A 365 -37.11 30.57 18.22
CA ASP A 365 -38.50 30.83 18.55
C ASP A 365 -39.46 30.29 17.49
N ARG A 366 -38.97 29.45 16.59
CA ARG A 366 -39.85 28.78 15.62
C ARG A 366 -40.72 27.75 16.35
N SER A 367 -41.96 27.63 15.88
CA SER A 367 -43.02 27.10 16.73
C SER A 367 -42.97 25.57 16.82
N TYR A 368 -42.44 24.89 15.80
CA TYR A 368 -42.39 23.43 15.83
C TYR A 368 -41.73 22.96 17.13
N ASN B 25 -0.85 -17.28 9.54
CA ASN B 25 0.60 -17.19 9.43
C ASN B 25 1.29 -18.60 9.59
N ASP B 26 1.00 -19.24 10.73
CA ASP B 26 1.52 -20.57 11.07
C ASP B 26 0.84 -21.67 10.25
N GLU B 27 -0.39 -21.43 9.76
CA GLU B 27 -1.16 -22.46 9.07
C GLU B 27 -0.58 -22.83 7.69
N ARG B 28 0.43 -22.13 7.18
CA ARG B 28 1.01 -22.59 5.93
C ARG B 28 2.37 -23.23 6.11
N GLU B 29 2.87 -23.30 7.34
CA GLU B 29 4.19 -23.87 7.56
C GLU B 29 4.34 -25.24 6.91
N TYR B 30 3.28 -26.06 6.93
CA TYR B 30 3.39 -27.41 6.39
C TYR B 30 3.65 -27.41 4.88
N LEU B 31 3.29 -26.34 4.16
CA LEU B 31 3.56 -26.28 2.73
C LEU B 31 5.06 -26.22 2.43
N ARG B 32 5.89 -25.80 3.39
CA ARG B 32 7.33 -25.73 3.14
C ARG B 32 7.95 -27.10 2.90
N HIS B 33 7.28 -28.18 3.27
CA HIS B 33 7.81 -29.52 3.11
C HIS B 33 7.67 -30.07 1.70
N PHE B 34 6.91 -29.42 0.82
CA PHE B 34 6.72 -29.88 -0.54
C PHE B 34 7.65 -29.17 -1.51
N TRP B 35 7.87 -29.81 -2.67
CA TRP B 35 8.54 -29.17 -3.79
C TRP B 35 7.56 -28.28 -4.54
N HIS B 36 7.97 -27.03 -4.80
CA HIS B 36 7.15 -26.08 -5.55
C HIS B 36 7.95 -25.54 -6.73
N PRO B 37 7.32 -25.37 -7.89
CA PRO B 37 8.02 -24.74 -9.02
C PRO B 37 8.14 -23.25 -8.78
N VAL B 38 9.27 -22.67 -9.12
CA VAL B 38 9.45 -21.24 -8.95
C VAL B 38 9.66 -20.49 -10.26
N CYS B 39 10.16 -21.16 -11.30
CA CYS B 39 10.37 -20.53 -12.59
C CYS B 39 10.56 -21.61 -13.64
N THR B 40 10.41 -21.23 -14.90
CA THR B 40 10.85 -22.12 -15.96
C THR B 40 12.36 -22.02 -16.13
N VAL B 41 12.96 -23.07 -16.70
CA VAL B 41 14.37 -22.98 -17.03
C VAL B 41 14.62 -21.82 -17.99
N THR B 42 13.69 -21.60 -18.92
CA THR B 42 13.77 -20.46 -19.84
C THR B 42 13.87 -19.13 -19.09
N GLU B 43 13.06 -18.94 -18.05
CA GLU B 43 13.12 -17.67 -17.31
C GLU B 43 14.48 -17.50 -16.62
N LEU B 44 15.04 -18.59 -16.10
CA LEU B 44 16.36 -18.52 -15.48
C LEU B 44 17.42 -18.13 -16.50
N GLU B 45 17.40 -18.77 -17.68
CA GLU B 45 18.41 -18.48 -18.70
C GLU B 45 18.25 -17.07 -19.30
N LYS B 46 17.04 -16.53 -19.31
CA LYS B 46 16.83 -15.18 -19.83
C LYS B 46 17.12 -14.09 -18.81
N ALA B 47 17.26 -14.44 -17.52
CA ALA B 47 17.34 -13.42 -16.49
C ALA B 47 18.59 -12.56 -16.61
N HIS B 48 19.72 -13.17 -16.97
CA HIS B 48 21.01 -12.52 -17.04
C HIS B 48 21.68 -12.95 -18.35
N PRO B 49 22.45 -12.07 -18.98
CA PRO B 49 23.05 -12.42 -20.29
C PRO B 49 23.95 -13.64 -20.26
N SER B 50 24.48 -14.04 -19.10
CA SER B 50 25.33 -15.23 -19.04
C SER B 50 24.55 -16.52 -19.25
N SER B 51 23.22 -16.46 -19.14
CA SER B 51 22.29 -17.59 -19.13
C SER B 51 22.39 -18.44 -17.87
N LEU B 52 23.15 -17.99 -16.86
CA LEU B 52 23.32 -18.75 -15.63
C LEU B 52 22.52 -18.18 -14.46
N GLY B 53 21.73 -17.14 -14.67
CA GLY B 53 21.16 -16.42 -13.55
C GLY B 53 22.21 -15.42 -13.11
N PRO B 54 22.07 -14.87 -11.89
CA PRO B 54 21.01 -15.22 -10.91
C PRO B 54 19.61 -14.69 -11.26
N LEU B 55 18.58 -15.33 -10.69
CA LEU B 55 17.20 -14.88 -10.81
C LEU B 55 16.56 -14.80 -9.42
N ALA B 56 15.94 -13.65 -9.10
CA ALA B 56 15.18 -13.53 -7.87
C ALA B 56 13.83 -14.22 -8.03
N VAL B 57 13.44 -15.02 -7.03
CA VAL B 57 12.12 -15.67 -7.00
C VAL B 57 11.56 -15.52 -5.60
N LYS B 58 10.25 -15.72 -5.48
CA LYS B 58 9.58 -15.64 -4.18
C LYS B 58 8.69 -16.86 -4.00
N LEU B 59 8.82 -17.52 -2.85
CA LEU B 59 8.09 -18.76 -2.59
C LEU B 59 7.63 -18.75 -1.14
N LEU B 60 6.32 -18.83 -0.93
CA LEU B 60 5.78 -18.81 0.43
C LEU B 60 6.31 -17.61 1.21
N ASN B 61 6.37 -16.47 0.52
CA ASN B 61 6.83 -15.17 1.02
C ASN B 61 8.32 -15.13 1.39
N GLU B 62 9.10 -16.14 1.01
CA GLU B 62 10.55 -16.13 1.20
C GLU B 62 11.22 -15.56 -0.05
N GLN B 63 12.16 -14.64 0.13
CA GLN B 63 12.90 -14.09 -1.02
C GLN B 63 14.13 -14.95 -1.29
N LEU B 64 14.17 -15.58 -2.46
CA LEU B 64 15.20 -16.54 -2.81
C LEU B 64 15.90 -16.10 -4.09
N VAL B 65 17.10 -16.65 -4.30
CA VAL B 65 17.84 -16.43 -5.52
C VAL B 65 18.20 -17.79 -6.09
N VAL B 66 18.07 -17.94 -7.41
CA VAL B 66 18.35 -19.17 -8.14
C VAL B 66 19.49 -18.90 -9.10
N ALA B 67 20.41 -19.85 -9.22
CA ALA B 67 21.53 -19.67 -10.15
C ALA B 67 22.02 -21.06 -10.56
N LYS B 68 22.74 -21.12 -11.67
CA LYS B 68 23.34 -22.37 -12.12
C LYS B 68 24.84 -22.26 -11.91
N LEU B 69 25.37 -23.03 -10.95
CA LEU B 69 26.80 -23.02 -10.63
C LEU B 69 27.36 -24.36 -11.11
N GLY B 70 28.16 -24.31 -12.17
CA GLY B 70 28.60 -25.55 -12.80
C GLY B 70 27.40 -26.29 -13.35
N ASP B 71 27.28 -27.57 -12.98
CA ASP B 71 26.17 -28.40 -13.40
C ASP B 71 25.00 -28.34 -12.43
N GLU B 72 25.06 -27.53 -11.39
CA GLU B 72 24.07 -27.56 -10.32
C GLU B 72 23.19 -26.32 -10.33
N TYR B 73 21.87 -26.51 -10.29
CA TYR B 73 20.97 -25.43 -9.94
C TYR B 73 20.95 -25.27 -8.42
N VAL B 74 21.17 -24.04 -7.95
CA VAL B 74 21.23 -23.75 -6.52
C VAL B 74 20.18 -22.71 -6.18
N ALA B 75 19.67 -22.79 -4.95
CA ALA B 75 18.72 -21.80 -4.44
C ALA B 75 19.19 -21.39 -3.06
N MET B 76 19.34 -20.07 -2.83
CA MET B 76 19.75 -19.52 -1.55
C MET B 76 18.80 -18.42 -1.12
N ARG B 77 18.86 -18.07 0.16
CA ARG B 77 18.18 -16.85 0.57
C ARG B 77 18.83 -15.68 -0.16
N ASP B 78 18.00 -14.75 -0.64
CA ASP B 78 18.48 -13.63 -1.45
C ASP B 78 18.96 -12.48 -0.56
N ARG B 79 20.04 -12.74 0.20
CA ARG B 79 20.47 -11.78 1.21
C ARG B 79 21.88 -12.18 1.63
N CYS B 80 22.85 -11.34 1.29
CA CYS B 80 24.25 -11.59 1.65
C CYS B 80 24.43 -11.52 3.15
N ALA B 81 25.29 -12.40 3.69
CA ALA B 81 25.55 -12.38 5.13
C ALA B 81 26.32 -11.15 5.60
N HIS B 82 27.06 -10.46 4.73
CA HIS B 82 27.90 -9.33 5.12
C HIS B 82 27.09 -8.09 5.46
N ARG B 83 26.49 -7.46 4.45
CA ARG B 83 25.71 -6.23 4.65
C ARG B 83 24.33 -6.33 4.01
N SER B 84 23.81 -7.55 3.80
CA SER B 84 22.40 -7.83 3.46
C SER B 84 21.99 -7.34 2.07
N ALA B 85 22.93 -7.11 1.16
CA ALA B 85 22.55 -6.85 -0.23
C ALA B 85 21.90 -8.10 -0.86
N LYS B 86 21.09 -7.87 -1.91
CA LYS B 86 20.48 -9.00 -2.62
C LYS B 86 21.50 -9.68 -3.54
N LEU B 87 21.72 -10.99 -3.34
CA LEU B 87 22.59 -11.74 -4.22
C LEU B 87 22.04 -11.81 -5.64
N SER B 88 20.71 -11.67 -5.81
CA SER B 88 20.10 -11.68 -7.13
C SER B 88 20.53 -10.51 -8.00
N LEU B 89 21.17 -9.48 -7.43
CA LEU B 89 21.79 -8.44 -8.24
C LEU B 89 23.25 -8.74 -8.57
N GLY B 90 23.74 -9.90 -8.18
CA GLY B 90 25.14 -10.27 -8.39
C GLY B 90 25.39 -11.03 -9.67
N THR B 91 26.44 -11.84 -9.65
CA THR B 91 26.96 -12.48 -10.85
C THR B 91 27.41 -13.90 -10.51
N VAL B 92 27.16 -14.83 -11.42
CA VAL B 92 27.73 -16.17 -11.35
C VAL B 92 29.12 -16.12 -11.94
N SER B 93 30.10 -16.63 -11.20
CA SER B 93 31.49 -16.70 -11.69
C SER B 93 31.93 -18.14 -11.48
N GLY B 94 31.77 -18.95 -12.50
CA GLY B 94 32.08 -20.38 -12.43
C GLY B 94 31.33 -21.13 -11.36
N ASN B 95 32.02 -21.61 -10.32
CA ASN B 95 31.34 -22.36 -9.26
C ASN B 95 30.98 -21.48 -8.06
N ARG B 96 30.77 -20.18 -8.28
CA ARG B 96 30.51 -19.23 -7.20
C ARG B 96 29.40 -18.28 -7.60
N LEU B 97 28.62 -17.85 -6.61
CA LEU B 97 27.70 -16.72 -6.75
C LEU B 97 28.31 -15.53 -6.02
N GLN B 98 28.55 -14.44 -6.75
CA GLN B 98 29.29 -13.30 -6.22
C GLN B 98 28.33 -12.17 -5.88
N CYS B 99 28.40 -11.69 -4.62
CA CYS B 99 27.56 -10.58 -4.20
C CYS B 99 27.92 -9.31 -4.96
N PRO B 100 26.95 -8.47 -5.34
CA PRO B 100 27.28 -7.26 -6.10
C PRO B 100 27.96 -6.17 -5.29
N TYR B 101 27.86 -6.20 -3.96
CA TYR B 101 28.31 -5.06 -3.15
C TYR B 101 29.82 -5.12 -2.89
N HIS B 102 30.28 -6.06 -2.04
CA HIS B 102 31.71 -6.17 -1.78
C HIS B 102 32.29 -7.49 -2.29
N GLY B 103 31.58 -8.18 -3.17
CA GLY B 103 32.19 -9.27 -3.92
C GLY B 103 32.42 -10.55 -3.15
N TRP B 104 31.78 -10.76 -1.99
CA TRP B 104 31.88 -12.08 -1.34
C TRP B 104 31.38 -13.14 -2.30
N GLN B 105 32.06 -14.29 -2.31
CA GLN B 105 31.74 -15.37 -3.23
C GLN B 105 31.22 -16.59 -2.46
N TYR B 106 30.05 -17.07 -2.85
CA TYR B 106 29.37 -18.17 -2.17
C TYR B 106 29.41 -19.43 -3.02
N ASP B 107 29.69 -20.58 -2.39
CA ASP B 107 29.77 -21.83 -3.14
C ASP B 107 28.38 -22.48 -3.17
N THR B 108 28.28 -23.69 -3.73
CA THR B 108 26.96 -24.29 -3.88
C THR B 108 26.30 -24.66 -2.56
N HIS B 109 27.03 -24.62 -1.45
CA HIS B 109 26.42 -24.93 -0.15
C HIS B 109 26.05 -23.69 0.61
N GLY B 110 26.14 -22.51 -0.01
CA GLY B 110 25.82 -21.27 0.66
C GLY B 110 26.92 -20.73 1.55
N ALA B 111 28.14 -21.25 1.46
CA ALA B 111 29.23 -20.85 2.34
C ALA B 111 30.13 -19.86 1.60
N CYS B 112 30.48 -18.75 2.26
CA CYS B 112 31.38 -17.80 1.63
C CYS B 112 32.79 -18.40 1.60
N GLN B 113 33.41 -18.37 0.43
CA GLN B 113 34.76 -18.92 0.26
C GLN B 113 35.78 -17.88 -0.16
N LEU B 114 35.38 -16.62 -0.31
CA LEU B 114 36.31 -15.56 -0.67
C LEU B 114 35.75 -14.25 -0.16
N VAL B 115 36.53 -13.54 0.66
CA VAL B 115 36.26 -12.17 1.09
C VAL B 115 37.31 -11.30 0.42
N PRO B 116 36.98 -10.63 -0.68
CA PRO B 116 38.05 -9.97 -1.45
C PRO B 116 38.81 -8.91 -0.66
N ALA B 117 38.19 -8.27 0.32
CA ALA B 117 38.89 -7.22 1.07
C ALA B 117 39.95 -7.78 2.01
N CYS B 118 39.84 -9.06 2.39
CA CYS B 118 40.66 -9.68 3.43
C CYS B 118 41.14 -11.04 2.95
N PRO B 119 41.82 -11.11 1.80
CA PRO B 119 42.02 -12.41 1.16
C PRO B 119 42.88 -13.37 1.98
N ASN B 120 43.68 -12.87 2.91
CA ASN B 120 44.46 -13.75 3.77
C ASN B 120 43.73 -14.15 5.05
N SER B 121 42.88 -13.27 5.58
CA SER B 121 42.27 -13.53 6.88
C SER B 121 41.34 -14.74 6.85
N PRO B 122 41.12 -15.39 7.98
CA PRO B 122 40.13 -16.48 8.03
C PRO B 122 38.73 -15.91 7.82
N ILE B 123 37.92 -16.66 7.07
CA ILE B 123 36.55 -16.23 6.80
C ILE B 123 35.69 -16.49 8.03
N PRO B 124 34.91 -15.51 8.49
CA PRO B 124 34.09 -15.72 9.69
C PRO B 124 33.19 -16.95 9.54
N ASN B 125 33.00 -17.65 10.66
CA ASN B 125 32.13 -18.83 10.64
C ASN B 125 30.70 -18.45 10.26
N LYS B 126 30.27 -17.24 10.61
CA LYS B 126 28.92 -16.79 10.31
C LYS B 126 28.72 -16.41 8.84
N ALA B 127 29.79 -16.45 8.02
CA ALA B 127 29.71 -15.99 6.63
C ALA B 127 29.12 -17.10 5.75
N LYS B 128 27.84 -17.36 5.95
CA LYS B 128 27.10 -18.37 5.19
C LYS B 128 25.66 -17.89 5.07
N VAL B 129 25.00 -18.27 3.98
CA VAL B 129 23.58 -17.98 3.78
C VAL B 129 22.82 -19.30 3.63
N ASP B 130 21.52 -19.27 3.94
CA ASP B 130 20.74 -20.49 3.88
C ASP B 130 20.65 -21.01 2.46
N ARG B 131 20.83 -22.33 2.31
CA ARG B 131 20.80 -23.01 1.01
C ARG B 131 19.66 -24.03 1.01
N PHE B 132 18.87 -24.06 -0.07
CA PHE B 132 17.68 -24.90 -0.15
C PHE B 132 17.77 -25.89 -1.29
N ASP B 133 17.06 -27.02 -1.13
CA ASP B 133 16.88 -28.00 -2.20
C ASP B 133 16.44 -27.28 -3.47
N CYS B 134 17.06 -27.61 -4.60
CA CYS B 134 16.74 -26.96 -5.87
C CYS B 134 17.04 -27.95 -6.99
N GLU B 135 16.03 -28.29 -7.81
CA GLU B 135 16.22 -29.29 -8.85
C GLU B 135 15.43 -28.91 -10.10
N GLU B 136 16.00 -29.15 -11.27
CA GLU B 136 15.26 -29.03 -12.52
C GLU B 136 14.50 -30.31 -12.83
N ARG B 137 13.25 -30.17 -13.26
CA ARG B 137 12.53 -31.31 -13.80
C ARG B 137 11.41 -30.79 -14.71
N TYR B 138 11.25 -31.43 -15.86
CA TYR B 138 10.20 -31.09 -16.84
C TYR B 138 10.38 -29.69 -17.45
N GLY B 139 11.57 -29.09 -17.32
CA GLY B 139 11.77 -27.73 -17.80
C GLY B 139 11.39 -26.65 -16.81
N LEU B 140 11.04 -27.01 -15.57
CA LEU B 140 10.80 -26.08 -14.46
C LEU B 140 11.89 -26.26 -13.40
N ILE B 141 12.14 -25.20 -12.64
CA ILE B 141 13.00 -25.26 -11.46
C ILE B 141 12.11 -25.38 -10.22
N TRP B 142 12.42 -26.37 -9.38
CA TRP B 142 11.65 -26.72 -8.19
C TRP B 142 12.48 -26.46 -6.94
N ILE B 143 11.85 -25.92 -5.89
CA ILE B 143 12.52 -25.67 -4.62
C ILE B 143 11.71 -26.32 -3.50
N ARG B 144 12.41 -26.97 -2.58
CA ARG B 144 11.79 -27.48 -1.36
C ARG B 144 12.46 -26.77 -0.20
N LEU B 145 11.69 -25.98 0.55
CA LEU B 145 12.26 -25.17 1.63
C LEU B 145 12.64 -25.99 2.86
N ASP B 146 11.92 -27.06 3.14
CA ASP B 146 12.17 -27.85 4.35
C ASP B 146 12.23 -29.31 3.95
N SER B 147 13.42 -29.92 4.05
CA SER B 147 13.58 -31.32 3.68
C SER B 147 13.61 -32.24 4.90
N SER B 148 13.19 -31.75 6.07
CA SER B 148 13.39 -32.49 7.33
C SER B 148 12.55 -33.75 7.41
N PHE B 149 11.37 -33.79 6.78
CA PHE B 149 10.55 -34.99 6.86
C PHE B 149 10.95 -36.02 5.82
N ASP B 150 11.73 -35.62 4.82
CA ASP B 150 12.31 -36.52 3.81
C ASP B 150 11.28 -37.48 3.21
N CYS B 151 10.11 -36.95 2.82
CA CYS B 151 9.12 -37.85 2.24
C CYS B 151 8.33 -37.24 1.09
N THR B 152 8.74 -36.11 0.55
CA THR B 152 8.01 -35.51 -0.56
C THR B 152 8.84 -35.60 -1.83
N GLU B 153 8.16 -35.59 -2.97
CA GLU B 153 8.79 -35.74 -4.26
C GLU B 153 8.25 -34.68 -5.20
N ILE B 154 9.03 -34.39 -6.25
CA ILE B 154 8.53 -33.48 -7.29
C ILE B 154 7.31 -34.12 -7.94
N PRO B 155 6.24 -33.37 -8.16
CA PRO B 155 5.01 -33.92 -8.74
C PRO B 155 5.20 -34.69 -10.04
N TYR B 156 4.26 -35.58 -10.31
CA TYR B 156 4.30 -36.49 -11.43
C TYR B 156 3.67 -35.84 -12.67
N PHE B 157 4.40 -35.88 -13.77
CA PHE B 157 3.96 -35.43 -15.10
C PHE B 157 4.04 -36.66 -16.00
N SER B 158 2.89 -37.16 -16.46
CA SER B 158 2.85 -38.47 -17.12
C SER B 158 3.47 -38.45 -18.51
N ALA B 159 3.56 -37.29 -19.16
CA ALA B 159 4.06 -37.27 -20.52
C ALA B 159 5.59 -37.28 -20.60
N ALA B 160 6.28 -37.05 -19.49
CA ALA B 160 7.73 -36.99 -19.54
C ALA B 160 8.30 -38.34 -19.97
N ASN B 161 9.31 -38.30 -20.85
CA ASN B 161 9.95 -39.48 -21.40
C ASN B 161 9.04 -40.34 -22.28
N ASP B 162 7.93 -39.78 -22.78
CA ASP B 162 7.08 -40.52 -23.70
C ASP B 162 7.38 -40.04 -25.11
N PRO B 163 8.13 -40.79 -25.92
CA PRO B 163 8.49 -40.29 -27.25
C PRO B 163 7.32 -40.10 -28.21
N ARG B 164 6.13 -40.63 -27.89
CA ARG B 164 4.99 -40.42 -28.78
C ARG B 164 4.41 -39.00 -28.69
N LEU B 165 4.77 -38.21 -27.68
CA LEU B 165 4.09 -36.97 -27.38
C LEU B 165 4.99 -35.76 -27.61
N ARG B 166 4.42 -34.69 -28.15
CA ARG B 166 5.10 -33.41 -28.25
C ARG B 166 4.73 -32.58 -27.03
N ILE B 167 5.73 -32.06 -26.33
CA ILE B 167 5.54 -31.33 -25.07
C ILE B 167 5.83 -29.85 -25.30
N VAL B 168 4.94 -28.99 -24.81
CA VAL B 168 5.09 -27.54 -24.90
C VAL B 168 4.92 -26.95 -23.50
N ILE B 169 5.90 -26.14 -23.07
CA ILE B 169 5.83 -25.43 -21.79
C ILE B 169 5.30 -24.02 -22.04
N GLN B 170 4.12 -23.70 -21.49
CA GLN B 170 3.58 -22.36 -21.68
C GLN B 170 4.31 -21.36 -20.79
N GLU B 171 4.17 -20.07 -21.12
CA GLU B 171 4.70 -19.05 -20.23
C GLU B 171 3.87 -19.04 -18.94
N PRO B 172 4.49 -18.82 -17.79
CA PRO B 172 3.72 -18.78 -16.53
C PRO B 172 2.68 -17.68 -16.53
N TYR B 173 1.58 -17.89 -15.80
CA TYR B 173 0.54 -16.89 -15.66
C TYR B 173 0.30 -16.58 -14.18
N TRP B 174 0.21 -15.30 -13.85
CA TRP B 174 0.05 -14.85 -12.48
C TRP B 174 -1.41 -14.54 -12.20
N TRP B 175 -1.94 -15.06 -11.08
CA TRP B 175 -3.30 -14.77 -10.65
C TRP B 175 -3.28 -14.25 -9.22
N ASP B 176 -4.18 -13.30 -8.92
CA ASP B 176 -4.41 -12.83 -7.56
C ASP B 176 -5.35 -13.80 -6.85
N ALA B 177 -4.85 -15.03 -6.66
CA ALA B 177 -5.63 -16.07 -5.99
C ALA B 177 -4.66 -17.10 -5.43
N THR B 178 -5.07 -17.79 -4.37
CA THR B 178 -4.21 -18.76 -3.72
C THR B 178 -4.15 -20.06 -4.51
N ALA B 179 -3.11 -20.86 -4.20
CA ALA B 179 -2.93 -22.11 -4.91
C ALA B 179 -4.07 -23.08 -4.61
N GLU B 180 -4.63 -23.04 -3.40
CA GLU B 180 -5.74 -23.94 -3.09
C GLU B 180 -6.96 -23.60 -3.93
N ARG B 181 -7.29 -22.31 -4.03
CA ARG B 181 -8.42 -21.91 -4.85
C ARG B 181 -8.19 -22.20 -6.33
N ARG B 182 -6.94 -22.07 -6.80
CA ARG B 182 -6.66 -22.41 -8.19
C ARG B 182 -6.83 -23.90 -8.43
N TRP B 183 -6.36 -24.73 -7.49
CA TRP B 183 -6.50 -26.18 -7.63
C TRP B 183 -7.97 -26.59 -7.72
N GLU B 184 -8.80 -26.03 -6.84
CA GLU B 184 -10.22 -26.39 -6.84
C GLU B 184 -10.90 -25.92 -8.12
N ASN B 185 -10.49 -24.76 -8.64
CA ASN B 185 -11.03 -24.33 -9.93
C ASN B 185 -10.67 -25.32 -11.03
N PHE B 186 -9.41 -25.77 -11.07
CA PHE B 186 -8.97 -26.64 -12.17
C PHE B 186 -9.72 -27.97 -12.18
N THR B 187 -10.03 -28.53 -11.00
CA THR B 187 -10.65 -29.85 -10.91
C THR B 187 -12.17 -29.82 -10.76
N ASP B 188 -12.81 -28.66 -10.91
CA ASP B 188 -14.27 -28.59 -10.83
C ASP B 188 -14.87 -28.58 -12.22
N PHE B 189 -15.95 -29.33 -12.43
CA PHE B 189 -16.71 -29.32 -13.68
C PHE B 189 -17.98 -28.50 -13.60
N SER B 190 -18.49 -28.27 -12.38
CA SER B 190 -19.75 -27.60 -12.14
C SER B 190 -19.84 -26.21 -12.76
N HIS B 191 -18.71 -25.54 -12.98
CA HIS B 191 -18.74 -24.16 -13.42
C HIS B 191 -18.75 -23.99 -14.93
N PHE B 192 -18.73 -25.08 -15.70
CA PHE B 192 -18.56 -24.95 -17.15
C PHE B 192 -19.70 -24.17 -17.80
N ALA B 193 -20.95 -24.42 -17.37
CA ALA B 193 -22.09 -23.76 -18.02
C ALA B 193 -22.06 -22.26 -17.84
N PHE B 194 -21.42 -21.79 -16.77
CA PHE B 194 -21.50 -20.39 -16.37
C PHE B 194 -20.24 -19.62 -16.73
N ILE B 195 -19.08 -20.27 -16.66
CA ILE B 195 -17.80 -19.64 -16.98
C ILE B 195 -17.34 -19.97 -18.39
N HIS B 196 -17.57 -21.20 -18.84
CA HIS B 196 -17.03 -21.68 -20.12
C HIS B 196 -18.13 -22.16 -21.07
N PRO B 197 -19.22 -21.41 -21.25
CA PRO B 197 -20.35 -21.98 -22.00
C PRO B 197 -20.02 -22.30 -23.46
N GLY B 198 -19.11 -21.54 -24.07
CA GLY B 198 -18.74 -21.78 -25.45
C GLY B 198 -17.47 -22.58 -25.65
N THR B 199 -16.70 -22.81 -24.58
CA THR B 199 -15.40 -23.46 -24.72
C THR B 199 -15.39 -24.89 -24.18
N LEU B 200 -15.76 -25.09 -22.92
CA LEU B 200 -15.65 -26.41 -22.31
C LEU B 200 -16.99 -27.06 -22.02
N PHE B 201 -18.07 -26.29 -21.96
CA PHE B 201 -19.37 -26.84 -21.60
C PHE B 201 -19.87 -27.80 -22.67
N ASP B 202 -20.28 -28.99 -22.24
CA ASP B 202 -20.89 -29.98 -23.11
C ASP B 202 -22.38 -30.05 -22.82
N PRO B 203 -23.25 -29.52 -23.69
CA PRO B 203 -24.69 -29.52 -23.37
C PRO B 203 -25.28 -30.92 -23.23
N ASN B 204 -24.63 -31.94 -23.80
CA ASN B 204 -25.10 -33.31 -23.72
C ASN B 204 -24.49 -34.09 -22.57
N ASN B 205 -23.76 -33.41 -21.66
CA ASN B 205 -23.27 -34.04 -20.44
C ASN B 205 -23.66 -33.23 -19.21
N ALA B 206 -23.35 -31.93 -19.20
CA ALA B 206 -23.86 -30.97 -18.23
C ALA B 206 -23.41 -31.23 -16.79
N GLU B 207 -23.84 -32.35 -16.21
CA GLU B 207 -23.52 -32.68 -14.81
C GLU B 207 -22.80 -34.03 -14.75
N PRO B 208 -21.48 -34.06 -14.88
CA PRO B 208 -20.73 -35.30 -14.64
C PRO B 208 -20.99 -35.84 -13.24
N PRO B 209 -21.17 -37.15 -13.10
CA PRO B 209 -21.46 -37.72 -11.78
C PRO B 209 -20.23 -37.72 -10.88
N ILE B 210 -20.51 -37.70 -9.58
CA ILE B 210 -19.54 -38.05 -8.55
C ILE B 210 -18.77 -39.31 -8.95
N VAL B 211 -17.45 -39.30 -8.78
CA VAL B 211 -16.68 -40.51 -9.06
C VAL B 211 -15.86 -40.93 -7.84
N PRO B 212 -15.49 -42.20 -7.70
CA PRO B 212 -14.60 -42.58 -6.60
C PRO B 212 -13.24 -41.88 -6.72
N MET B 213 -12.65 -41.59 -5.56
CA MET B 213 -11.35 -40.92 -5.49
C MET B 213 -10.41 -41.74 -4.64
N ASP B 214 -9.22 -42.03 -5.17
CA ASP B 214 -8.20 -42.81 -4.47
C ASP B 214 -7.05 -41.92 -4.03
N ARG B 215 -6.52 -42.18 -2.83
CA ARG B 215 -5.24 -41.66 -2.40
C ARG B 215 -4.19 -42.76 -2.57
N PHE B 216 -3.12 -42.45 -3.28
CA PHE B 216 -2.06 -43.42 -3.53
C PHE B 216 -0.75 -42.67 -3.76
N ASN B 217 0.28 -43.03 -2.99
CA ASN B 217 1.60 -42.44 -3.16
C ASN B 217 1.58 -40.92 -3.10
N GLY B 218 0.73 -40.34 -2.26
CA GLY B 218 0.66 -38.89 -2.14
C GLY B 218 -0.03 -38.20 -3.29
N GLN B 219 -0.85 -38.92 -4.05
CA GLN B 219 -1.61 -38.40 -5.18
C GLN B 219 -3.09 -38.71 -4.99
N PHE B 220 -3.96 -37.79 -5.41
CA PHE B 220 -5.35 -38.12 -5.66
C PHE B 220 -5.43 -38.69 -7.06
N ARG B 221 -6.15 -39.80 -7.22
CA ARG B 221 -6.36 -40.37 -8.53
C ARG B 221 -7.86 -40.56 -8.71
N PHE B 222 -8.40 -40.03 -9.80
CA PHE B 222 -9.81 -40.25 -10.10
C PHE B 222 -9.99 -40.13 -11.61
N VAL B 223 -11.04 -40.78 -12.11
CA VAL B 223 -11.28 -40.90 -13.55
C VAL B 223 -12.73 -40.60 -13.87
N TYR B 224 -12.95 -39.83 -14.93
CA TYR B 224 -14.27 -39.61 -15.51
C TYR B 224 -14.31 -40.21 -16.91
N ASP B 225 -15.40 -40.90 -17.25
CA ASP B 225 -15.51 -41.49 -18.58
C ASP B 225 -16.34 -40.63 -19.55
N PRO B 237 -18.98 -45.19 -23.03
CA PRO B 237 -17.65 -45.81 -23.00
C PRO B 237 -16.72 -45.25 -24.06
N ILE B 238 -16.83 -43.97 -24.42
CA ILE B 238 -16.01 -43.47 -25.52
C ILE B 238 -14.67 -42.92 -25.01
N GLY B 239 -14.72 -41.98 -24.07
CA GLY B 239 -13.50 -41.29 -23.68
C GLY B 239 -13.09 -41.42 -22.24
N SER B 240 -12.12 -40.61 -21.82
CA SER B 240 -11.64 -40.70 -20.44
C SER B 240 -10.88 -39.42 -20.08
N PHE B 241 -11.19 -38.90 -18.88
CA PHE B 241 -10.47 -37.81 -18.21
C PHE B 241 -9.82 -38.40 -16.96
N SER B 242 -8.52 -38.62 -16.99
CA SER B 242 -7.85 -39.32 -15.90
C SER B 242 -6.90 -38.36 -15.15
N TYR B 243 -7.21 -38.10 -13.88
CA TYR B 243 -6.48 -37.15 -13.04
C TYR B 243 -5.53 -37.89 -12.10
N THR B 244 -4.28 -37.43 -12.06
CA THR B 244 -3.29 -37.81 -11.06
C THR B 244 -2.80 -36.51 -10.43
N CYS B 245 -3.22 -36.22 -9.21
CA CYS B 245 -2.96 -34.93 -8.58
C CYS B 245 -1.95 -35.16 -7.47
N SER B 246 -0.70 -34.76 -7.71
CA SER B 246 0.33 -34.81 -6.67
C SER B 246 0.08 -33.70 -5.64
N MET B 247 -0.20 -34.08 -4.41
CA MET B 247 -0.56 -33.11 -3.37
C MET B 247 0.66 -32.21 -3.07
N PRO B 248 0.43 -30.91 -2.79
CA PRO B 248 -0.88 -30.27 -2.70
C PRO B 248 -1.37 -29.51 -3.97
N PHE B 249 -0.52 -29.16 -4.94
CA PHE B 249 -0.93 -28.14 -5.90
C PHE B 249 -0.76 -28.53 -7.37
N ALA B 250 -0.44 -29.78 -7.68
CA ALA B 250 -0.13 -30.16 -9.05
C ALA B 250 -1.20 -31.08 -9.61
N ILE B 251 -1.57 -30.86 -10.88
CA ILE B 251 -2.61 -31.67 -11.51
C ILE B 251 -2.09 -32.20 -12.83
N ASN B 252 -2.10 -33.52 -12.99
CA ASN B 252 -1.79 -34.18 -14.25
C ASN B 252 -3.09 -34.74 -14.80
N LEU B 253 -3.53 -34.22 -15.95
CA LEU B 253 -4.81 -34.62 -16.54
C LEU B 253 -4.54 -35.26 -17.88
N GLU B 254 -4.91 -36.54 -18.01
CA GLU B 254 -4.77 -37.27 -19.27
C GLU B 254 -6.14 -37.39 -19.93
N VAL B 255 -6.26 -36.87 -21.14
CA VAL B 255 -7.50 -36.94 -21.91
C VAL B 255 -7.26 -37.91 -23.06
N SER B 256 -7.98 -39.02 -23.08
CA SER B 256 -7.78 -40.04 -24.07
C SER B 256 -9.11 -40.36 -24.75
N LYS B 257 -9.01 -40.91 -25.95
CA LYS B 257 -10.19 -41.29 -26.73
C LYS B 257 -9.99 -42.73 -27.18
N TYR B 258 -10.92 -43.62 -26.80
CA TYR B 258 -10.81 -45.01 -27.18
C TYR B 258 -11.00 -45.13 -28.70
N SER B 259 -10.36 -46.14 -29.28
CA SER B 259 -10.31 -46.40 -30.72
C SER B 259 -9.60 -45.31 -31.49
N SER B 260 -8.94 -44.37 -30.80
CA SER B 260 -8.18 -43.31 -31.44
C SER B 260 -6.86 -43.14 -30.70
N SER B 261 -5.88 -42.54 -31.38
CA SER B 261 -4.59 -42.25 -30.78
C SER B 261 -4.41 -40.74 -30.68
N SER B 262 -5.20 -40.13 -29.80
CA SER B 262 -5.22 -38.68 -29.60
C SER B 262 -5.08 -38.35 -28.11
N LEU B 263 -4.04 -38.89 -27.47
CA LEU B 263 -3.77 -38.56 -26.08
C LEU B 263 -3.36 -37.10 -25.95
N HIS B 264 -3.95 -36.39 -24.98
CA HIS B 264 -3.62 -35.01 -24.66
C HIS B 264 -3.41 -34.94 -23.15
N VAL B 265 -2.25 -34.43 -22.71
CA VAL B 265 -1.96 -34.32 -21.29
C VAL B 265 -1.85 -32.85 -20.91
N LEU B 266 -2.52 -32.46 -19.82
CA LEU B 266 -2.38 -31.14 -19.25
C LEU B 266 -1.77 -31.27 -17.85
N PHE B 267 -0.71 -30.53 -17.60
CA PHE B 267 -0.02 -30.56 -16.32
C PHE B 267 -0.01 -29.13 -15.80
N ASN B 268 -0.77 -28.86 -14.73
CA ASN B 268 -0.87 -27.51 -14.19
C ASN B 268 -0.38 -27.53 -12.75
N VAL B 269 0.48 -26.58 -12.38
CA VAL B 269 0.98 -26.53 -11.01
C VAL B 269 1.12 -25.07 -10.59
N SER B 270 0.68 -24.76 -9.38
CA SER B 270 0.65 -23.40 -8.87
C SER B 270 1.78 -23.21 -7.87
N CYS B 271 2.57 -22.16 -8.06
CA CYS B 271 3.55 -21.76 -7.06
C CYS B 271 2.89 -20.82 -6.06
N PRO B 272 2.87 -21.16 -4.77
CA PRO B 272 2.31 -20.24 -3.77
C PRO B 272 3.30 -19.15 -3.45
N VAL B 273 3.22 -18.03 -4.17
CA VAL B 273 4.22 -16.97 -4.05
C VAL B 273 4.12 -16.27 -2.72
N ASP B 274 2.92 -15.84 -2.35
CA ASP B 274 2.70 -15.25 -1.03
C ASP B 274 1.26 -15.57 -0.64
N SER B 275 0.71 -14.83 0.34
CA SER B 275 -0.60 -15.22 0.86
C SER B 275 -1.74 -14.98 -0.14
N HIS B 276 -1.56 -14.17 -1.18
CA HIS B 276 -2.67 -13.88 -2.08
C HIS B 276 -2.35 -14.05 -3.56
N THR B 277 -1.18 -14.58 -3.91
CA THR B 277 -0.72 -14.60 -5.29
C THR B 277 -0.24 -15.99 -5.68
N THR B 278 -0.53 -16.39 -6.93
CA THR B 278 0.08 -17.60 -7.47
C THR B 278 0.77 -17.30 -8.79
N LYS B 279 1.85 -18.02 -9.03
CA LYS B 279 2.51 -18.07 -10.33
C LYS B 279 2.29 -19.46 -10.85
N ASN B 280 1.59 -19.57 -11.97
CA ASN B 280 1.03 -20.84 -12.39
C ASN B 280 1.72 -21.32 -13.66
N PHE B 281 1.99 -22.61 -13.71
CA PHE B 281 2.71 -23.19 -14.85
C PHE B 281 1.79 -24.20 -15.52
N LEU B 282 1.73 -24.15 -16.84
CA LEU B 282 0.93 -25.13 -17.59
C LEU B 282 1.85 -25.76 -18.62
N ILE B 283 1.94 -27.08 -18.60
CA ILE B 283 2.66 -27.83 -19.62
C ILE B 283 1.64 -28.73 -20.29
N PHE B 284 1.67 -28.80 -21.62
CA PHE B 284 0.74 -29.70 -22.30
C PHE B 284 1.47 -30.55 -23.31
N ALA B 285 0.98 -31.78 -23.47
CA ALA B 285 1.58 -32.76 -24.35
C ALA B 285 0.48 -33.34 -25.23
N ARG B 286 0.82 -33.67 -26.47
CA ARG B 286 -0.19 -34.24 -27.35
C ARG B 286 0.44 -35.22 -28.31
N GLU B 287 -0.32 -36.26 -28.64
CA GLU B 287 0.13 -37.32 -29.53
C GLU B 287 0.07 -36.88 -30.98
N GLN B 288 -1.07 -36.33 -31.40
CA GLN B 288 -1.20 -35.77 -32.74
C GLN B 288 -0.68 -34.35 -32.70
N SER B 289 0.54 -34.16 -33.22
CA SER B 289 1.30 -32.92 -33.08
C SER B 289 1.63 -32.27 -34.43
N ASP B 290 0.94 -32.67 -35.50
CA ASP B 290 1.14 -32.02 -36.80
C ASP B 290 0.39 -30.69 -36.93
N ASP B 291 -0.51 -30.37 -36.01
CA ASP B 291 -1.17 -29.07 -35.99
C ASP B 291 -0.26 -28.04 -35.30
N SER B 292 -0.76 -26.81 -35.15
CA SER B 292 0.07 -25.75 -34.58
C SER B 292 0.01 -25.77 -33.06
N ASP B 293 1.15 -25.55 -32.41
CA ASP B 293 1.13 -25.37 -30.96
C ASP B 293 0.17 -24.26 -30.55
N TYR B 294 0.01 -23.25 -31.41
CA TYR B 294 -0.73 -22.06 -31.03
C TYR B 294 -2.23 -22.23 -31.10
N LEU B 295 -2.71 -23.22 -31.85
CA LEU B 295 -4.12 -23.60 -31.76
C LEU B 295 -4.46 -23.98 -30.32
N HIS B 296 -3.60 -24.78 -29.70
CA HIS B 296 -3.83 -25.19 -28.32
C HIS B 296 -3.56 -24.05 -27.34
N ILE B 297 -2.46 -23.32 -27.53
CA ILE B 297 -2.14 -22.24 -26.59
C ILE B 297 -3.26 -21.20 -26.56
N ALA B 298 -3.80 -20.84 -27.74
CA ALA B 298 -4.84 -19.82 -27.77
C ALA B 298 -6.09 -20.29 -27.04
N PHE B 299 -6.45 -21.56 -27.22
CA PHE B 299 -7.64 -22.11 -26.57
C PHE B 299 -7.45 -22.18 -25.06
N GLN B 300 -6.29 -22.68 -24.62
CA GLN B 300 -6.01 -22.71 -23.18
C GLN B 300 -6.02 -21.30 -22.58
N ASP B 301 -5.41 -20.32 -23.28
CA ASP B 301 -5.43 -18.94 -22.78
C ASP B 301 -6.84 -18.39 -22.69
N LEU B 302 -7.71 -18.77 -23.65
CA LEU B 302 -9.09 -18.32 -23.59
C LEU B 302 -9.81 -18.90 -22.38
N VAL B 303 -9.62 -20.19 -22.11
CA VAL B 303 -10.22 -20.80 -20.92
C VAL B 303 -9.71 -20.12 -19.65
N LEU B 304 -8.40 -19.88 -19.56
CA LEU B 304 -7.85 -19.23 -18.37
C LEU B 304 -8.42 -17.83 -18.19
N ALA B 305 -8.58 -17.09 -19.28
CA ALA B 305 -9.11 -15.73 -19.17
C ALA B 305 -10.57 -15.74 -18.70
N GLU B 306 -11.31 -16.81 -18.97
CA GLU B 306 -12.69 -16.92 -18.48
C GLU B 306 -12.71 -17.21 -16.97
N ASP B 307 -11.85 -18.11 -16.50
CA ASP B 307 -11.76 -18.39 -15.07
C ASP B 307 -11.23 -17.19 -14.27
N LYS B 308 -10.21 -16.50 -14.79
CA LYS B 308 -9.41 -15.58 -13.98
C LYS B 308 -10.22 -14.57 -13.15
N PRO B 309 -11.11 -13.76 -13.73
CA PRO B 309 -11.79 -12.75 -12.89
C PRO B 309 -12.64 -13.36 -11.78
N VAL B 310 -13.27 -14.51 -12.02
CA VAL B 310 -14.13 -15.08 -11.00
C VAL B 310 -13.29 -15.63 -9.85
N ILE B 311 -12.21 -16.36 -10.17
CA ILE B 311 -11.36 -16.91 -9.11
C ILE B 311 -10.70 -15.79 -8.32
N GLU B 312 -10.18 -14.77 -9.00
CA GLU B 312 -9.60 -13.62 -8.30
C GLU B 312 -10.61 -12.89 -7.42
N SER B 313 -11.91 -12.96 -7.73
CA SER B 313 -12.91 -12.28 -6.88
C SER B 313 -13.19 -13.01 -5.57
N GLN B 314 -12.85 -14.30 -5.46
CA GLN B 314 -13.20 -15.05 -4.25
C GLN B 314 -12.54 -14.42 -3.04
N TRP B 315 -13.33 -14.18 -1.99
CA TRP B 315 -12.78 -13.55 -0.79
C TRP B 315 -13.49 -14.05 0.47
N PRO B 316 -12.77 -14.17 1.60
CA PRO B 316 -11.32 -13.95 1.77
C PRO B 316 -10.48 -14.93 0.94
N LYS B 317 -9.18 -14.63 0.76
CA LYS B 317 -8.38 -15.41 -0.18
C LYS B 317 -8.34 -16.89 0.18
N ASP B 318 -8.23 -17.19 1.48
CA ASP B 318 -8.30 -18.57 1.98
C ASP B 318 -9.75 -18.92 2.33
N ALA B 319 -10.18 -20.10 1.91
CA ALA B 319 -11.55 -20.54 2.12
C ALA B 319 -11.86 -20.62 3.61
N PRO B 320 -12.83 -19.89 4.12
CA PRO B 320 -13.23 -20.03 5.51
C PRO B 320 -14.07 -21.28 5.71
N ALA B 321 -14.17 -21.68 6.99
CA ALA B 321 -15.01 -22.81 7.38
C ALA B 321 -16.49 -22.57 7.11
N ASP B 322 -16.91 -21.33 6.83
CA ASP B 322 -18.34 -21.09 6.62
C ASP B 322 -18.81 -21.34 5.19
N GLU B 323 -17.95 -21.82 4.29
CA GLU B 323 -18.39 -22.10 2.92
C GLU B 323 -19.31 -23.31 2.90
N VAL B 324 -20.33 -23.26 2.06
CA VAL B 324 -21.41 -24.24 2.05
C VAL B 324 -21.21 -25.15 0.87
N SER B 325 -21.03 -26.44 1.12
CA SER B 325 -20.79 -27.38 0.02
C SER B 325 -22.08 -28.13 -0.36
N VAL B 326 -22.10 -28.62 -1.60
CA VAL B 326 -23.16 -29.51 -2.06
C VAL B 326 -22.54 -30.82 -2.52
N VAL B 327 -23.39 -31.81 -2.82
CA VAL B 327 -22.87 -33.13 -3.12
C VAL B 327 -21.96 -33.10 -4.34
N ALA B 328 -22.23 -32.22 -5.31
CA ALA B 328 -21.38 -32.09 -6.49
C ALA B 328 -19.95 -31.65 -6.18
N ASP B 329 -19.69 -31.17 -4.97
CA ASP B 329 -18.37 -30.67 -4.58
C ASP B 329 -17.44 -31.76 -4.05
N LYS B 330 -17.71 -33.03 -4.36
CA LYS B 330 -16.94 -34.11 -3.75
C LYS B 330 -15.43 -33.90 -3.90
N VAL B 331 -14.95 -33.53 -5.09
CA VAL B 331 -13.51 -33.36 -5.27
C VAL B 331 -12.94 -32.33 -4.30
N SER B 332 -13.55 -31.13 -4.22
CA SER B 332 -12.98 -30.13 -3.32
C SER B 332 -13.18 -30.47 -1.84
N ILE B 333 -14.28 -31.14 -1.49
CA ILE B 333 -14.49 -31.58 -0.11
C ILE B 333 -13.37 -32.52 0.32
N GLN B 334 -13.05 -33.50 -0.54
CA GLN B 334 -12.00 -34.46 -0.22
C GLN B 334 -10.62 -33.80 -0.22
N TYR B 335 -10.38 -32.91 -1.17
CA TYR B 335 -9.15 -32.11 -1.17
C TYR B 335 -8.97 -31.38 0.15
N ARG B 336 -9.99 -30.64 0.57
CA ARG B 336 -9.88 -29.87 1.81
C ARG B 336 -9.67 -30.77 3.02
N LYS B 337 -10.30 -31.94 3.01
CA LYS B 337 -10.11 -32.88 4.11
C LYS B 337 -8.66 -33.36 4.19
N TRP B 338 -8.08 -33.71 3.03
CA TRP B 338 -6.70 -34.20 3.03
C TRP B 338 -5.72 -33.10 3.44
N LEU B 339 -5.89 -31.88 2.91
CA LEU B 339 -5.05 -30.77 3.35
C LEU B 339 -5.11 -30.58 4.87
N ARG B 340 -6.31 -30.61 5.44
CA ARG B 340 -6.43 -30.47 6.88
C ARG B 340 -5.70 -31.59 7.62
N GLU B 341 -5.80 -32.82 7.11
CA GLU B 341 -5.06 -33.93 7.70
C GLU B 341 -3.55 -33.73 7.63
N LEU B 342 -3.07 -33.18 6.51
CA LEU B 342 -1.64 -32.92 6.39
C LEU B 342 -1.19 -31.83 7.36
N LYS B 343 -1.99 -30.78 7.53
CA LYS B 343 -1.64 -29.72 8.47
C LYS B 343 -1.57 -30.26 9.90
N GLU B 344 -2.56 -31.06 10.29
CA GLU B 344 -2.57 -31.63 11.63
C GLU B 344 -1.39 -32.58 11.84
N ALA B 345 -1.09 -33.42 10.83
CA ALA B 345 0.01 -34.36 10.93
C ALA B 345 1.36 -33.67 10.98
N HIS B 346 1.50 -32.53 10.29
CA HIS B 346 2.74 -31.78 10.36
C HIS B 346 3.05 -31.39 11.80
N LYS B 347 2.02 -30.99 12.57
CA LYS B 347 2.25 -30.63 13.97
C LYS B 347 2.70 -31.83 14.79
N GLU B 348 2.30 -33.04 14.41
CA GLU B 348 2.66 -34.26 15.14
C GLU B 348 4.04 -34.77 14.77
N GLY B 349 4.61 -34.35 13.66
CA GLY B 349 5.97 -34.66 13.36
C GLY B 349 6.11 -35.54 12.15
N SER B 350 7.36 -36.00 11.93
CA SER B 350 7.77 -36.56 10.66
C SER B 350 7.01 -37.84 10.32
N GLN B 351 6.85 -38.74 11.29
CA GLN B 351 6.22 -40.01 10.94
C GLN B 351 4.72 -39.84 10.70
N ALA B 352 4.06 -38.99 11.48
CA ALA B 352 2.64 -38.74 11.27
C ALA B 352 2.37 -38.15 9.89
N PHE B 353 3.24 -37.22 9.46
CA PHE B 353 3.08 -36.59 8.16
C PHE B 353 3.31 -37.59 7.03
N ARG B 354 4.39 -38.38 7.13
CA ARG B 354 4.63 -39.41 6.14
C ARG B 354 3.42 -40.32 5.96
N SER B 355 2.81 -40.73 7.08
CA SER B 355 1.64 -41.61 7.02
C SER B 355 0.46 -40.90 6.37
N ALA B 356 0.17 -39.67 6.81
CA ALA B 356 -0.96 -38.93 6.25
C ALA B 356 -0.80 -38.72 4.76
N LEU B 357 0.44 -38.51 4.30
CA LEU B 357 0.69 -38.20 2.89
C LEU B 357 0.72 -39.46 2.03
N LEU B 358 1.36 -40.53 2.50
CA LEU B 358 1.66 -41.67 1.64
C LEU B 358 0.83 -42.91 1.89
N ASP B 359 0.04 -42.97 2.96
CA ASP B 359 -0.82 -44.14 3.16
C ASP B 359 -1.90 -44.18 2.08
N PRO B 360 -2.20 -45.37 1.54
CA PRO B 360 -3.24 -45.48 0.52
C PRO B 360 -4.62 -45.49 1.13
N VAL B 361 -5.56 -44.90 0.40
CA VAL B 361 -6.98 -44.91 0.76
C VAL B 361 -7.76 -45.10 -0.53
N ILE B 362 -8.25 -46.31 -0.77
CA ILE B 362 -8.76 -46.72 -2.07
C ILE B 362 -10.29 -46.78 -2.02
N GLU B 363 -10.94 -46.02 -2.90
CA GLU B 363 -12.40 -46.08 -3.08
C GLU B 363 -12.82 -46.83 -4.33
N SER B 364 -11.96 -46.88 -5.35
CA SER B 364 -12.34 -47.42 -6.64
C SER B 364 -12.06 -48.93 -6.69
N ASP B 365 -12.33 -49.52 -7.85
CA ASP B 365 -12.04 -50.92 -8.13
C ASP B 365 -10.63 -51.14 -8.66
N ARG B 366 -9.87 -50.09 -8.89
CA ARG B 366 -8.61 -50.21 -9.58
C ARG B 366 -7.54 -50.79 -8.67
N SER B 367 -6.55 -51.44 -9.29
CA SER B 367 -5.46 -52.07 -8.56
C SER B 367 -4.20 -51.23 -8.74
N TYR B 368 -3.53 -50.94 -7.63
CA TYR B 368 -2.28 -50.19 -7.70
C TYR B 368 -1.13 -51.02 -7.11
N ASN C 25 10.78 3.30 16.34
CA ASN C 25 10.39 4.68 16.59
C ASN C 25 11.02 5.17 17.89
N ASP C 26 10.79 4.40 18.96
CA ASP C 26 11.57 4.54 20.18
C ASP C 26 13.06 4.63 19.87
N GLU C 27 13.50 3.88 18.87
CA GLU C 27 14.90 3.81 18.46
C GLU C 27 15.42 5.13 17.91
N ARG C 28 14.56 6.00 17.40
CA ARG C 28 15.04 7.14 16.63
C ARG C 28 14.90 8.46 17.36
N GLU C 29 14.47 8.46 18.64
CA GLU C 29 14.22 9.72 19.30
C GLU C 29 15.49 10.54 19.47
N TYR C 30 16.64 9.89 19.68
CA TYR C 30 17.88 10.64 19.86
C TYR C 30 18.24 11.46 18.63
N LEU C 31 17.76 11.07 17.45
CA LEU C 31 18.10 11.82 16.24
C LEU C 31 17.42 13.19 16.19
N ARG C 32 16.34 13.40 16.96
CA ARG C 32 15.66 14.68 16.99
C ARG C 32 16.56 15.78 17.52
N HIS C 33 17.62 15.43 18.23
CA HIS C 33 18.50 16.44 18.82
C HIS C 33 19.53 17.01 17.86
N PHE C 34 19.70 16.43 16.66
CA PHE C 34 20.66 16.94 15.69
C PHE C 34 19.97 17.85 14.67
N TRP C 35 20.79 18.64 13.98
CA TRP C 35 20.36 19.43 12.84
C TRP C 35 20.37 18.54 11.59
N HIS C 36 19.24 18.51 10.86
CA HIS C 36 19.14 17.72 9.66
C HIS C 36 18.72 18.62 8.50
N PRO C 37 19.30 18.44 7.31
CA PRO C 37 18.89 19.26 6.17
C PRO C 37 17.56 18.73 5.65
N VAL C 38 16.68 19.62 5.21
CA VAL C 38 15.38 19.18 4.69
C VAL C 38 15.13 19.61 3.25
N CYS C 39 15.79 20.65 2.77
CA CYS C 39 15.61 21.08 1.38
C CYS C 39 16.75 22.03 1.04
N THR C 40 16.93 22.28 -0.24
CA THR C 40 17.82 23.38 -0.61
C THR C 40 17.06 24.70 -0.57
N VAL C 41 17.80 25.81 -0.45
CA VAL C 41 17.15 27.12 -0.56
C VAL C 41 16.46 27.24 -1.90
N THR C 42 17.08 26.73 -2.97
CA THR C 42 16.45 26.75 -4.29
C THR C 42 15.10 26.03 -4.28
N GLU C 43 15.02 24.84 -3.68
CA GLU C 43 13.73 24.15 -3.60
C GLU C 43 12.68 25.00 -2.89
N LEU C 44 13.06 25.63 -1.80
CA LEU C 44 12.11 26.46 -1.09
C LEU C 44 11.61 27.60 -1.97
N GLU C 45 12.53 28.25 -2.70
CA GLU C 45 12.16 29.40 -3.53
C GLU C 45 11.31 28.98 -4.73
N LYS C 46 11.53 27.78 -5.24
CA LYS C 46 10.79 27.30 -6.41
C LYS C 46 9.41 26.74 -6.07
N ALA C 47 9.11 26.53 -4.78
CA ALA C 47 7.90 25.80 -4.40
C ALA C 47 6.63 26.53 -4.82
N HIS C 48 6.58 27.84 -4.61
CA HIS C 48 5.40 28.67 -4.82
C HIS C 48 5.86 29.93 -5.55
N PRO C 49 5.01 30.55 -6.35
CA PRO C 49 5.42 31.75 -7.09
C PRO C 49 5.87 32.92 -6.24
N SER C 50 5.44 32.99 -4.97
CA SER C 50 5.89 34.03 -4.06
C SER C 50 7.39 34.02 -3.84
N SER C 51 8.04 32.89 -4.11
CA SER C 51 9.43 32.57 -3.80
C SER C 51 9.69 32.46 -2.30
N LEU C 52 8.64 32.48 -1.47
CA LEU C 52 8.80 32.46 -0.02
C LEU C 52 8.31 31.15 0.60
N GLY C 53 8.04 30.14 -0.20
CA GLY C 53 7.33 28.95 0.28
C GLY C 53 5.83 29.20 0.29
N PRO C 54 5.06 28.40 1.07
CA PRO C 54 5.56 27.34 1.96
C PRO C 54 5.97 26.10 1.18
N LEU C 55 6.77 25.24 1.83
CA LEU C 55 7.16 23.94 1.26
C LEU C 55 6.95 22.85 2.32
N ALA C 56 6.23 21.80 1.96
CA ALA C 56 6.08 20.66 2.85
C ALA C 56 7.36 19.81 2.83
N VAL C 57 7.84 19.43 4.02
CA VAL C 57 8.99 18.53 4.13
C VAL C 57 8.65 17.51 5.19
N LYS C 58 9.38 16.39 5.18
CA LYS C 58 9.19 15.33 6.16
C LYS C 58 10.53 14.95 6.74
N LEU C 59 10.61 14.87 8.07
CA LEU C 59 11.86 14.65 8.78
C LEU C 59 11.56 13.71 9.94
N LEU C 60 12.22 12.55 9.97
CA LEU C 60 11.99 11.57 11.02
C LEU C 60 10.50 11.24 11.14
N ASN C 61 9.85 11.12 9.99
CA ASN C 61 8.41 10.84 9.85
C ASN C 61 7.50 11.96 10.41
N GLU C 62 8.05 13.15 10.69
CA GLU C 62 7.23 14.29 11.11
C GLU C 62 6.92 15.15 9.91
N GLN C 63 5.66 15.55 9.75
CA GLN C 63 5.26 16.41 8.63
C GLN C 63 5.41 17.87 9.04
N LEU C 64 6.28 18.59 8.33
CA LEU C 64 6.66 19.96 8.65
C LEU C 64 6.43 20.85 7.45
N VAL C 65 6.39 22.15 7.71
CA VAL C 65 6.26 23.13 6.64
C VAL C 65 7.34 24.19 6.88
N VAL C 66 8.01 24.59 5.80
CA VAL C 66 9.09 25.57 5.85
C VAL C 66 8.66 26.78 5.02
N ALA C 67 9.00 27.97 5.51
CA ALA C 67 8.66 29.20 4.81
C ALA C 67 9.67 30.27 5.17
N LYS C 68 9.77 31.30 4.32
CA LYS C 68 10.58 32.48 4.62
C LYS C 68 9.62 33.61 5.00
N LEU C 69 9.62 33.98 6.26
CA LEU C 69 8.78 35.06 6.77
C LEU C 69 9.69 36.23 7.09
N GLY C 70 9.66 37.27 6.27
CA GLY C 70 10.60 38.37 6.48
C GLY C 70 12.01 37.88 6.20
N ASP C 71 12.93 38.13 7.13
CA ASP C 71 14.32 37.72 7.00
C ASP C 71 14.60 36.31 7.51
N GLU C 72 13.60 35.61 8.03
CA GLU C 72 13.79 34.40 8.82
C GLU C 72 13.25 33.17 8.11
N TYR C 73 13.98 32.06 8.13
CA TYR C 73 13.41 30.78 7.70
C TYR C 73 12.74 30.10 8.89
N VAL C 74 11.48 29.73 8.73
CA VAL C 74 10.73 29.19 9.84
C VAL C 74 10.31 27.76 9.49
N ALA C 75 10.23 26.90 10.51
CA ALA C 75 9.75 25.54 10.36
C ALA C 75 8.69 25.28 11.41
N MET C 76 7.51 24.81 10.98
CA MET C 76 6.40 24.52 11.89
C MET C 76 5.84 23.16 11.55
N ARG C 77 5.07 22.60 12.49
CA ARG C 77 4.31 21.41 12.14
C ARG C 77 3.30 21.75 11.04
N ASP C 78 3.16 20.87 10.05
CA ASP C 78 2.32 21.17 8.88
C ASP C 78 0.86 20.82 9.19
N ARG C 79 0.27 21.52 10.16
CA ARG C 79 -1.05 21.14 10.65
C ARG C 79 -1.64 22.34 11.37
N CYS C 80 -2.67 22.95 10.81
CA CYS C 80 -3.30 24.10 11.43
C CYS C 80 -3.95 23.71 12.74
N ALA C 81 -3.84 24.57 13.76
CA ALA C 81 -4.45 24.31 15.06
C ALA C 81 -5.99 24.29 15.03
N HIS C 82 -6.60 24.97 14.07
CA HIS C 82 -8.05 25.15 13.99
C HIS C 82 -8.75 23.87 13.59
N ARG C 83 -8.59 23.46 12.31
CA ARG C 83 -9.24 22.25 11.79
C ARG C 83 -8.25 21.36 11.03
N SER C 84 -6.95 21.45 11.34
CA SER C 84 -5.94 20.47 10.94
C SER C 84 -5.64 20.46 9.44
N ALA C 85 -5.99 21.50 8.70
CA ALA C 85 -5.57 21.59 7.32
C ALA C 85 -4.04 21.75 7.24
N LYS C 86 -3.47 21.40 6.08
CA LYS C 86 -2.03 21.55 5.91
C LYS C 86 -1.68 22.99 5.58
N LEU C 87 -0.86 23.61 6.45
CA LEU C 87 -0.37 24.96 6.18
C LEU C 87 0.49 25.02 4.92
N SER C 88 1.05 23.89 4.49
CA SER C 88 1.83 23.88 3.26
C SER C 88 1.00 24.09 2.01
N LEU C 89 -0.33 24.02 2.11
CA LEU C 89 -1.20 24.43 1.02
C LEU C 89 -1.59 25.89 1.12
N GLY C 90 -1.04 26.62 2.09
CA GLY C 90 -1.38 28.01 2.32
C GLY C 90 -0.44 28.96 1.59
N THR C 91 -0.35 30.19 2.11
CA THR C 91 0.24 31.29 1.40
C THR C 91 1.09 32.09 2.37
N VAL C 92 2.28 32.49 1.93
CA VAL C 92 3.10 33.40 2.72
C VAL C 92 2.78 34.83 2.30
N SER C 93 2.39 35.65 3.25
CA SER C 93 2.14 37.08 3.03
C SER C 93 3.01 37.86 4.01
N GLY C 94 4.19 38.29 3.55
CA GLY C 94 5.11 39.04 4.38
C GLY C 94 5.63 38.23 5.54
N ASN C 95 5.24 38.61 6.77
CA ASN C 95 5.69 37.91 7.97
C ASN C 95 4.62 36.99 8.54
N ARG C 96 3.74 36.46 7.69
CA ARG C 96 2.70 35.53 8.13
C ARG C 96 2.59 34.36 7.16
N LEU C 97 2.29 33.19 7.71
CA LEU C 97 1.87 32.03 6.95
C LEU C 97 0.36 31.87 7.17
N GLN C 98 -0.40 31.99 6.09
CA GLN C 98 -1.86 31.97 6.15
C GLN C 98 -2.37 30.56 5.80
N CYS C 99 -3.18 29.98 6.68
CA CYS C 99 -3.79 28.68 6.41
C CYS C 99 -4.76 28.78 5.23
N PRO C 100 -4.81 27.77 4.36
CA PRO C 100 -5.67 27.87 3.18
C PRO C 100 -7.15 27.70 3.45
N TYR C 101 -7.55 27.24 4.63
CA TYR C 101 -8.95 26.86 4.88
C TYR C 101 -9.74 28.06 5.41
N HIS C 102 -9.49 28.49 6.65
CA HIS C 102 -10.22 29.65 7.18
C HIS C 102 -9.30 30.85 7.45
N GLY C 103 -8.10 30.85 6.87
CA GLY C 103 -7.26 32.04 6.81
C GLY C 103 -6.59 32.45 8.09
N TRP C 104 -6.49 31.58 9.10
CA TRP C 104 -5.71 31.93 10.29
C TRP C 104 -4.29 32.28 9.86
N GLN C 105 -3.73 33.33 10.46
CA GLN C 105 -2.38 33.79 10.10
C GLN C 105 -1.40 33.48 11.23
N TYR C 106 -0.33 32.76 10.92
CA TYR C 106 0.67 32.38 11.91
C TYR C 106 1.93 33.23 11.75
N ASP C 107 2.50 33.69 12.87
CA ASP C 107 3.71 34.51 12.83
C ASP C 107 4.96 33.62 12.90
N THR C 108 6.15 34.23 12.99
CA THR C 108 7.38 33.45 12.96
C THR C 108 7.54 32.54 14.17
N HIS C 109 6.77 32.73 15.24
CA HIS C 109 6.89 31.89 16.41
C HIS C 109 5.85 30.80 16.45
N GLY C 110 5.07 30.63 15.37
CA GLY C 110 4.03 29.61 15.35
C GLY C 110 2.72 30.02 15.98
N ALA C 111 2.54 31.30 16.31
CA ALA C 111 1.37 31.76 17.05
C ALA C 111 0.37 32.37 16.09
N CYS C 112 -0.89 31.99 16.21
CA CYS C 112 -1.91 32.65 15.40
C CYS C 112 -2.10 34.09 15.87
N GLN C 113 -2.03 35.04 14.93
CA GLN C 113 -2.24 36.45 15.23
C GLN C 113 -3.46 37.06 14.54
N LEU C 114 -4.21 36.27 13.76
CA LEU C 114 -5.43 36.79 13.14
C LEU C 114 -6.36 35.61 12.91
N VAL C 115 -7.57 35.68 13.46
CA VAL C 115 -8.67 34.78 13.17
C VAL C 115 -9.68 35.58 12.37
N PRO C 116 -9.70 35.46 11.04
CA PRO C 116 -10.53 36.37 10.24
C PRO C 116 -12.01 36.31 10.58
N ALA C 117 -12.51 35.19 11.07
CA ALA C 117 -13.94 35.10 11.32
C ALA C 117 -14.35 35.87 12.58
N CYS C 118 -13.41 36.09 13.51
CA CYS C 118 -13.69 36.69 14.81
C CYS C 118 -12.70 37.82 15.09
N PRO C 119 -12.56 38.77 14.17
CA PRO C 119 -11.39 39.67 14.23
C PRO C 119 -11.31 40.47 15.52
N ASN C 120 -12.42 40.63 16.25
CA ASN C 120 -12.39 41.36 17.51
C ASN C 120 -12.31 40.47 18.74
N SER C 121 -12.69 39.20 18.63
CA SER C 121 -12.61 38.31 19.78
C SER C 121 -11.16 38.03 20.14
N PRO C 122 -10.88 37.69 21.40
CA PRO C 122 -9.52 37.28 21.75
C PRO C 122 -9.18 35.94 21.12
N ILE C 123 -7.96 35.83 20.63
CA ILE C 123 -7.53 34.58 19.98
C ILE C 123 -7.27 33.52 21.03
N PRO C 124 -7.78 32.29 20.89
CA PRO C 124 -7.58 31.28 21.92
C PRO C 124 -6.10 31.06 22.18
N ASN C 125 -5.77 30.83 23.46
CA ASN C 125 -4.37 30.59 23.80
C ASN C 125 -3.84 29.35 23.11
N LYS C 126 -4.70 28.37 22.84
CA LYS C 126 -4.32 27.14 22.17
C LYS C 126 -4.08 27.32 20.66
N ALA C 127 -4.34 28.49 20.10
CA ALA C 127 -4.20 28.71 18.66
C ALA C 127 -2.73 28.98 18.32
N LYS C 128 -1.92 27.94 18.43
CA LYS C 128 -0.49 28.01 18.15
C LYS C 128 -0.06 26.63 17.65
N VAL C 129 0.93 26.59 16.74
CA VAL C 129 1.48 25.32 16.26
C VAL C 129 2.95 25.25 16.65
N ASP C 130 3.46 24.02 16.82
CA ASP C 130 4.84 23.85 17.25
C ASP C 130 5.80 24.46 16.23
N ARG C 131 6.80 25.19 16.74
CA ARG C 131 7.80 25.87 15.92
C ARG C 131 9.17 25.29 16.27
N PHE C 132 9.99 25.00 15.26
CA PHE C 132 11.27 24.34 15.43
C PHE C 132 12.43 25.20 14.91
N ASP C 133 13.61 24.97 15.48
CA ASP C 133 14.84 25.60 14.99
C ASP C 133 14.95 25.38 13.50
N CYS C 134 15.25 26.44 12.77
CA CYS C 134 15.36 26.37 11.31
C CYS C 134 16.37 27.41 10.85
N GLU C 135 17.47 26.97 10.23
CA GLU C 135 18.50 27.91 9.80
C GLU C 135 19.01 27.53 8.42
N GLU C 136 19.36 28.54 7.62
CA GLU C 136 20.02 28.32 6.34
C GLU C 136 21.52 28.22 6.58
N ARG C 137 22.18 27.28 5.93
CA ARG C 137 23.64 27.25 5.92
C ARG C 137 24.10 26.45 4.71
N TYR C 138 25.11 26.97 4.00
CA TYR C 138 25.65 26.33 2.80
C TYR C 138 24.62 26.23 1.67
N GLY C 139 23.54 26.99 1.71
CA GLY C 139 22.53 26.87 0.67
C GLY C 139 21.50 25.79 0.93
N LEU C 140 21.52 25.18 2.11
CA LEU C 140 20.51 24.23 2.54
C LEU C 140 19.74 24.81 3.73
N ILE C 141 18.53 24.29 3.92
CA ILE C 141 17.72 24.62 5.09
C ILE C 141 17.83 23.46 6.08
N TRP C 142 18.21 23.77 7.33
CA TRP C 142 18.43 22.79 8.38
C TRP C 142 17.37 22.94 9.47
N ILE C 143 16.89 21.82 10.02
CA ILE C 143 15.91 21.83 11.10
C ILE C 143 16.44 21.01 12.26
N ARG C 144 16.31 21.53 13.48
CA ARG C 144 16.57 20.73 14.67
C ARG C 144 15.27 20.64 15.47
N LEU C 145 14.76 19.42 15.62
CA LEU C 145 13.45 19.24 16.24
C LEU C 145 13.46 19.43 17.75
N ASP C 146 14.60 19.17 18.41
CA ASP C 146 14.67 19.26 19.87
C ASP C 146 15.96 19.97 20.23
N SER C 147 15.84 21.18 20.81
CA SER C 147 17.01 21.96 21.18
C SER C 147 17.34 21.89 22.66
N SER C 148 16.69 20.99 23.40
CA SER C 148 16.76 21.01 24.87
C SER C 148 18.15 20.65 25.39
N PHE C 149 18.91 19.79 24.67
CA PHE C 149 20.27 19.49 25.13
C PHE C 149 21.26 20.61 24.79
N ASP C 150 20.96 21.44 23.78
CA ASP C 150 21.74 22.65 23.48
C ASP C 150 23.22 22.34 23.30
N CYS C 151 23.52 21.28 22.52
CA CYS C 151 24.90 20.87 22.35
C CYS C 151 25.21 20.36 20.94
N THR C 152 24.32 20.54 19.97
CA THR C 152 24.58 20.10 18.60
C THR C 152 24.67 21.31 17.68
N GLU C 153 25.40 21.14 16.59
CA GLU C 153 25.64 22.22 15.66
C GLU C 153 25.41 21.70 14.25
N ILE C 154 25.16 22.64 13.34
CA ILE C 154 25.04 22.24 11.94
C ILE C 154 26.35 21.62 11.47
N PRO C 155 26.33 20.47 10.76
CA PRO C 155 27.57 19.84 10.29
C PRO C 155 28.58 20.75 9.60
N TYR C 156 29.85 20.36 9.67
CA TYR C 156 30.96 21.13 9.12
C TYR C 156 31.20 20.84 7.63
N PHE C 157 31.24 21.90 6.84
CA PHE C 157 31.58 21.88 5.41
C PHE C 157 32.84 22.72 5.24
N SER C 158 33.96 22.06 4.90
CA SER C 158 35.27 22.72 5.00
C SER C 158 35.46 23.80 3.94
N ALA C 159 34.75 23.73 2.82
CA ALA C 159 34.97 24.67 1.74
C ALA C 159 34.19 25.96 1.88
N ALA C 160 33.29 26.06 2.87
CA ALA C 160 32.54 27.31 3.04
C ALA C 160 33.49 28.45 3.36
N ASN C 161 33.24 29.61 2.76
CA ASN C 161 34.05 30.82 2.96
C ASN C 161 35.53 30.60 2.58
N ASP C 162 35.82 29.66 1.67
CA ASP C 162 37.16 29.55 1.10
C ASP C 162 37.10 30.18 -0.29
N PRO C 163 37.61 31.40 -0.48
CA PRO C 163 37.44 32.09 -1.77
C PRO C 163 38.23 31.45 -2.91
N ARG C 164 39.08 30.46 -2.65
CA ARG C 164 39.77 29.78 -3.73
C ARG C 164 38.90 28.75 -4.45
N LEU C 165 37.75 28.37 -3.87
CA LEU C 165 36.99 27.22 -4.33
C LEU C 165 35.64 27.65 -4.89
N ARG C 166 35.27 27.07 -6.03
CA ARG C 166 33.93 27.23 -6.62
C ARG C 166 33.04 26.13 -6.06
N ILE C 167 31.87 26.50 -5.57
CA ILE C 167 30.97 25.59 -4.85
C ILE C 167 29.74 25.36 -5.70
N VAL C 168 29.33 24.10 -5.85
CA VAL C 168 28.13 23.75 -6.61
C VAL C 168 27.24 22.89 -5.72
N ILE C 169 25.96 23.23 -5.63
CA ILE C 169 24.97 22.45 -4.88
C ILE C 169 24.19 21.59 -5.87
N GLN C 170 24.29 20.26 -5.74
CA GLN C 170 23.53 19.38 -6.62
C GLN C 170 22.07 19.34 -6.22
N GLU C 171 21.23 18.96 -7.18
CA GLU C 171 19.85 18.69 -6.84
C GLU C 171 19.80 17.49 -5.90
N PRO C 172 18.95 17.52 -4.88
CA PRO C 172 18.86 16.38 -3.95
C PRO C 172 18.44 15.10 -4.66
N TYR C 173 18.85 13.97 -4.10
CA TYR C 173 18.48 12.67 -4.66
C TYR C 173 17.85 11.80 -3.58
N TRP C 174 16.76 11.12 -3.95
CA TRP C 174 15.99 10.31 -3.02
C TRP C 174 16.34 8.84 -3.22
N TRP C 175 16.62 8.14 -2.12
CA TRP C 175 16.92 6.72 -2.15
C TRP C 175 15.99 5.99 -1.18
N ASP C 176 15.58 4.79 -1.59
CA ASP C 176 14.83 3.91 -0.70
C ASP C 176 15.82 3.15 0.17
N ALA C 177 16.54 3.89 1.00
CA ALA C 177 17.48 3.32 1.96
C ALA C 177 17.62 4.28 3.13
N THR C 178 18.09 3.76 4.27
CA THR C 178 18.19 4.61 5.45
C THR C 178 19.45 5.46 5.45
N ALA C 179 19.43 6.50 6.30
CA ALA C 179 20.57 7.40 6.38
C ALA C 179 21.80 6.67 6.89
N GLU C 180 21.62 5.71 7.80
CA GLU C 180 22.77 4.94 8.28
C GLU C 180 23.38 4.11 7.15
N ARG C 181 22.54 3.42 6.38
CA ARG C 181 23.08 2.62 5.28
C ARG C 181 23.72 3.49 4.20
N ARG C 182 23.15 4.68 3.96
CA ARG C 182 23.78 5.60 3.01
C ARG C 182 25.12 6.09 3.52
N TRP C 183 25.19 6.43 4.81
CA TRP C 183 26.46 6.89 5.39
C TRP C 183 27.54 5.82 5.24
N GLU C 184 27.20 4.57 5.55
CA GLU C 184 28.19 3.50 5.47
C GLU C 184 28.60 3.24 4.04
N ASN C 185 27.69 3.41 3.08
CA ASN C 185 28.06 3.26 1.67
C ASN C 185 29.05 4.34 1.26
N PHE C 186 28.84 5.58 1.71
CA PHE C 186 29.71 6.68 1.28
C PHE C 186 31.13 6.52 1.82
N THR C 187 31.28 5.99 3.04
CA THR C 187 32.61 5.90 3.65
C THR C 187 33.30 4.57 3.44
N ASP C 188 32.72 3.65 2.67
CA ASP C 188 33.34 2.36 2.42
C ASP C 188 34.14 2.40 1.11
N PHE C 189 35.33 1.78 1.13
CA PHE C 189 36.16 1.65 -0.07
C PHE C 189 36.09 0.26 -0.69
N SER C 190 35.77 -0.74 0.14
CA SER C 190 35.76 -2.15 -0.25
C SER C 190 34.90 -2.43 -1.48
N HIS C 191 33.86 -1.61 -1.72
CA HIS C 191 32.95 -1.91 -2.81
C HIS C 191 33.39 -1.37 -4.17
N PHE C 192 34.53 -0.65 -4.26
CA PHE C 192 34.87 0.03 -5.51
C PHE C 192 35.05 -0.94 -6.68
N ALA C 193 35.73 -2.07 -6.46
CA ALA C 193 36.03 -2.97 -7.58
C ALA C 193 34.78 -3.59 -8.16
N PHE C 194 33.70 -3.65 -7.38
CA PHE C 194 32.51 -4.37 -7.76
C PHE C 194 31.38 -3.45 -8.21
N ILE C 195 31.26 -2.27 -7.63
CA ILE C 195 30.20 -1.31 -7.97
C ILE C 195 30.76 -0.21 -8.87
N HIS C 196 32.02 0.17 -8.67
CA HIS C 196 32.57 1.31 -9.40
C HIS C 196 33.83 0.92 -10.19
N PRO C 197 33.83 -0.20 -10.94
CA PRO C 197 35.10 -0.63 -11.57
C PRO C 197 35.70 0.37 -12.55
N GLY C 198 34.87 1.06 -13.33
CA GLY C 198 35.35 2.02 -14.30
C GLY C 198 35.35 3.47 -13.87
N THR C 199 34.87 3.78 -12.66
CA THR C 199 34.71 5.16 -12.20
C THR C 199 35.62 5.50 -11.03
N LEU C 200 35.61 4.70 -9.97
CA LEU C 200 36.38 5.04 -8.78
C LEU C 200 37.46 4.02 -8.45
N PHE C 201 37.36 2.80 -8.95
CA PHE C 201 38.31 1.75 -8.58
C PHE C 201 39.70 2.11 -9.09
N ASP C 202 40.69 1.96 -8.23
CA ASP C 202 42.11 2.15 -8.57
C ASP C 202 42.81 0.81 -8.48
N PRO C 203 43.11 0.16 -9.60
CA PRO C 203 43.78 -1.16 -9.53
C PRO C 203 45.16 -1.09 -8.90
N ASN C 204 45.78 0.09 -8.86
CA ASN C 204 47.06 0.31 -8.19
C ASN C 204 46.93 0.49 -6.69
N ASN C 205 45.72 0.49 -6.15
CA ASN C 205 45.52 0.64 -4.71
C ASN C 205 44.61 -0.46 -4.19
N ALA C 206 43.49 -0.68 -4.88
CA ALA C 206 42.62 -1.85 -4.70
C ALA C 206 42.05 -1.94 -3.29
N GLU C 207 42.89 -2.23 -2.29
CA GLU C 207 42.43 -2.41 -0.91
C GLU C 207 43.18 -1.47 0.02
N PRO C 208 42.72 -0.22 0.17
CA PRO C 208 43.30 0.68 1.18
C PRO C 208 43.26 0.05 2.56
N PRO C 209 44.31 0.21 3.35
CA PRO C 209 44.35 -0.43 4.65
C PRO C 209 43.58 0.35 5.70
N ILE C 210 43.22 -0.37 6.77
CA ILE C 210 42.59 0.20 7.94
C ILE C 210 43.39 1.38 8.48
N VAL C 211 42.70 2.44 8.89
CA VAL C 211 43.36 3.66 9.36
C VAL C 211 42.88 3.99 10.76
N PRO C 212 43.65 4.78 11.52
CA PRO C 212 43.17 5.26 12.82
C PRO C 212 41.99 6.20 12.65
N MET C 213 41.06 6.13 13.61
CA MET C 213 39.86 6.97 13.58
C MET C 213 39.78 7.75 14.88
N ASP C 214 39.68 9.07 14.77
CA ASP C 214 39.56 9.96 15.93
C ASP C 214 38.13 10.47 16.07
N ARG C 215 37.65 10.55 17.30
CA ARG C 215 36.46 11.35 17.61
C ARG C 215 36.93 12.70 18.17
N PHE C 216 36.42 13.79 17.60
CA PHE C 216 36.77 15.12 18.08
C PHE C 216 35.62 16.08 17.79
N ASN C 217 35.15 16.78 18.82
CA ASN C 217 34.08 17.79 18.67
C ASN C 217 32.84 17.22 17.98
N GLY C 218 32.50 15.97 18.28
CA GLY C 218 31.34 15.34 17.65
C GLY C 218 31.51 14.95 16.20
N GLN C 219 32.75 14.79 15.73
CA GLN C 219 33.07 14.36 14.38
C GLN C 219 33.96 13.13 14.41
N PHE C 220 33.78 12.24 13.42
CA PHE C 220 34.78 11.23 13.10
C PHE C 220 35.81 11.84 12.14
N ARG C 221 37.08 11.70 12.46
CA ARG C 221 38.15 12.21 11.61
C ARG C 221 39.09 11.05 11.27
N PHE C 222 39.27 10.78 9.98
CA PHE C 222 40.20 9.75 9.56
C PHE C 222 40.72 10.13 8.18
N VAL C 223 41.95 9.69 7.88
CA VAL C 223 42.65 10.05 6.65
C VAL C 223 43.20 8.80 5.98
N TYR C 224 43.08 8.73 4.67
CA TYR C 224 43.74 7.73 3.83
C TYR C 224 44.75 8.42 2.93
N ASP C 225 45.98 7.92 2.92
CA ASP C 225 46.99 8.45 2.03
C ASP C 225 47.01 7.66 0.73
N THR C 226 47.38 8.35 -0.36
CA THR C 226 47.36 7.74 -1.69
C THR C 226 48.76 7.29 -2.09
N PRO C 237 53.01 9.10 -0.19
CA PRO C 237 51.64 9.20 -0.75
C PRO C 237 51.63 10.17 -1.93
N ILE C 238 50.65 10.11 -2.85
CA ILE C 238 50.53 11.16 -3.87
C ILE C 238 49.47 12.18 -3.51
N GLY C 239 48.69 11.93 -2.45
CA GLY C 239 47.59 12.80 -2.05
C GLY C 239 47.01 12.28 -0.76
N SER C 240 45.73 12.55 -0.54
CA SER C 240 45.09 12.11 0.70
C SER C 240 43.58 12.28 0.54
N PHE C 241 42.83 11.36 1.14
CA PHE C 241 41.38 11.51 1.31
C PHE C 241 41.16 11.73 2.79
N SER C 242 40.79 12.96 3.16
CA SER C 242 40.64 13.34 4.56
C SER C 242 39.16 13.50 4.86
N TYR C 243 38.65 12.66 5.75
CA TYR C 243 37.24 12.68 6.15
C TYR C 243 37.05 13.43 7.46
N THR C 244 36.06 14.33 7.48
CA THR C 244 35.53 14.94 8.70
C THR C 244 34.02 14.67 8.69
N CYS C 245 33.56 13.76 9.54
CA CYS C 245 32.16 13.32 9.51
C CYS C 245 31.43 13.83 10.74
N SER C 246 30.61 14.87 10.57
CA SER C 246 29.80 15.35 11.69
C SER C 246 28.68 14.37 11.98
N MET C 247 28.66 13.80 13.18
CA MET C 247 27.66 12.79 13.50
C MET C 247 26.28 13.44 13.51
N PRO C 248 25.25 12.70 13.06
CA PRO C 248 25.32 11.30 12.65
C PRO C 248 25.40 11.03 11.13
N PHE C 249 25.10 12.01 10.26
CA PHE C 249 24.81 11.68 8.87
C PHE C 249 25.56 12.53 7.85
N ALA C 250 26.52 13.36 8.25
CA ALA C 250 27.16 14.25 7.30
C ALA C 250 28.61 13.83 7.11
N ILE C 251 29.08 13.90 5.86
CA ILE C 251 30.46 13.57 5.54
C ILE C 251 31.07 14.71 4.73
N ASN C 252 32.21 15.20 5.21
CA ASN C 252 33.02 16.17 4.48
C ASN C 252 34.31 15.46 4.07
N LEU C 253 34.52 15.32 2.76
CA LEU C 253 35.68 14.61 2.24
C LEU C 253 36.53 15.60 1.45
N GLU C 254 37.77 15.80 1.90
CA GLU C 254 38.73 16.64 1.18
C GLU C 254 39.70 15.73 0.44
N VAL C 255 39.74 15.87 -0.88
CA VAL C 255 40.66 15.12 -1.74
C VAL C 255 41.70 16.11 -2.23
N SER C 256 42.95 15.92 -1.82
CA SER C 256 44.02 16.85 -2.16
C SER C 256 45.19 16.10 -2.76
N LYS C 257 45.95 16.81 -3.59
CA LYS C 257 47.18 16.31 -4.20
C LYS C 257 48.28 17.34 -3.97
N TYR C 258 49.44 16.88 -3.52
CA TYR C 258 50.57 17.80 -3.48
C TYR C 258 51.11 18.01 -4.89
N SER C 259 51.97 19.02 -5.03
CA SER C 259 52.55 19.48 -6.28
C SER C 259 51.50 20.07 -7.23
N SER C 260 50.23 20.08 -6.84
CA SER C 260 49.15 20.63 -7.65
C SER C 260 48.16 21.34 -6.74
N SER C 261 47.51 22.37 -7.27
CA SER C 261 46.43 23.05 -6.56
C SER C 261 45.09 22.50 -7.05
N SER C 262 44.79 21.28 -6.61
CA SER C 262 43.69 20.49 -7.14
C SER C 262 42.81 19.96 -6.00
N LEU C 263 42.56 20.82 -5.01
CA LEU C 263 41.69 20.45 -3.91
C LEU C 263 40.26 20.27 -4.41
N HIS C 264 39.64 19.16 -4.02
CA HIS C 264 38.25 18.86 -4.30
C HIS C 264 37.59 18.55 -2.97
N VAL C 265 36.40 19.09 -2.72
CA VAL C 265 35.67 18.80 -1.49
C VAL C 265 34.31 18.25 -1.86
N LEU C 266 33.93 17.13 -1.25
CA LEU C 266 32.60 16.55 -1.38
C LEU C 266 31.94 16.60 0.00
N PHE C 267 30.74 17.15 0.06
CA PHE C 267 30.00 17.25 1.30
C PHE C 267 28.69 16.52 1.07
N ASN C 268 28.48 15.41 1.77
CA ASN C 268 27.27 14.61 1.58
C ASN C 268 26.54 14.48 2.90
N VAL C 269 25.23 14.72 2.89
CA VAL C 269 24.43 14.60 4.10
C VAL C 269 23.05 14.03 3.72
N SER C 270 22.56 13.13 4.56
CA SER C 270 21.29 12.42 4.36
C SER C 270 20.26 12.94 5.35
N CYS C 271 19.11 13.35 4.82
CA CYS C 271 17.95 13.62 5.64
C CYS C 271 17.23 12.30 5.91
N PRO C 272 17.09 11.88 7.18
CA PRO C 272 16.30 10.67 7.47
C PRO C 272 14.82 11.00 7.37
N VAL C 273 14.23 10.82 6.19
CA VAL C 273 12.85 11.22 5.95
C VAL C 273 11.88 10.37 6.76
N ASP C 274 12.01 9.05 6.65
CA ASP C 274 11.22 8.14 7.48
C ASP C 274 12.04 6.85 7.66
N SER C 275 11.38 5.76 8.05
CA SER C 275 12.12 4.55 8.40
C SER C 275 12.77 3.88 7.19
N HIS C 276 12.38 4.21 5.97
CA HIS C 276 12.96 3.53 4.82
C HIS C 276 13.42 4.47 3.71
N THR C 277 13.47 5.78 3.94
CA THR C 277 13.72 6.71 2.86
C THR C 277 14.73 7.75 3.30
N THR C 278 15.59 8.18 2.36
CA THR C 278 16.45 9.33 2.59
C THR C 278 16.32 10.32 1.46
N LYS C 279 16.44 11.60 1.81
CA LYS C 279 16.62 12.66 0.83
C LYS C 279 18.05 13.15 1.02
N ASN C 280 18.87 13.03 -0.02
CA ASN C 280 20.32 13.20 0.13
C ASN C 280 20.79 14.44 -0.60
N PHE C 281 21.76 15.14 -0.02
CA PHE C 281 22.25 16.40 -0.54
C PHE C 281 23.73 16.23 -0.80
N LEU C 282 24.19 16.64 -1.97
CA LEU C 282 25.61 16.64 -2.27
C LEU C 282 26.02 18.06 -2.67
N ILE C 283 27.03 18.59 -2.01
CA ILE C 283 27.64 19.87 -2.38
C ILE C 283 29.10 19.58 -2.69
N PHE C 284 29.63 20.16 -3.77
CA PHE C 284 31.02 19.89 -4.07
C PHE C 284 31.73 21.19 -4.40
N ALA C 285 33.02 21.24 -4.04
CA ALA C 285 33.83 22.43 -4.23
C ALA C 285 35.14 22.03 -4.90
N ARG C 286 35.66 22.92 -5.75
CA ARG C 286 36.89 22.59 -6.45
C ARG C 286 37.72 23.85 -6.70
N GLU C 287 39.04 23.68 -6.66
CA GLU C 287 39.98 24.80 -6.80
C GLU C 287 40.19 25.14 -8.27
N GLN C 288 40.31 24.12 -9.11
CA GLN C 288 40.42 24.27 -10.56
C GLN C 288 39.01 24.31 -11.13
N SER C 289 38.51 25.52 -11.39
CA SER C 289 37.12 25.73 -11.76
C SER C 289 36.94 26.26 -13.18
N ASP C 290 37.95 26.12 -14.03
CA ASP C 290 37.83 26.54 -15.43
C ASP C 290 36.98 25.59 -16.28
N ASP C 291 36.69 24.41 -15.78
CA ASP C 291 35.92 23.42 -16.54
C ASP C 291 34.42 23.56 -16.21
N SER C 292 33.61 22.70 -16.83
CA SER C 292 32.17 22.78 -16.65
C SER C 292 31.75 22.14 -15.33
N ASP C 293 30.83 22.79 -14.61
CA ASP C 293 30.21 22.16 -13.44
C ASP C 293 29.60 20.81 -13.79
N TYR C 294 29.08 20.69 -15.01
CA TYR C 294 28.36 19.47 -15.39
C TYR C 294 29.29 18.32 -15.71
N LEU C 295 30.57 18.57 -15.99
CA LEU C 295 31.52 17.46 -16.03
C LEU C 295 31.49 16.70 -14.69
N HIS C 296 31.52 17.44 -13.60
CA HIS C 296 31.56 16.84 -12.28
C HIS C 296 30.19 16.30 -11.87
N ILE C 297 29.12 17.07 -12.13
CA ILE C 297 27.77 16.61 -11.82
C ILE C 297 27.49 15.27 -12.51
N ALA C 298 27.86 15.16 -13.79
CA ALA C 298 27.57 13.92 -14.52
C ALA C 298 28.37 12.75 -13.96
N PHE C 299 29.62 12.99 -13.58
CA PHE C 299 30.41 11.91 -12.99
C PHE C 299 29.85 11.51 -11.64
N GLN C 300 29.50 12.50 -10.81
CA GLN C 300 28.93 12.17 -9.51
C GLN C 300 27.60 11.45 -9.67
N ASP C 301 26.80 11.84 -10.68
CA ASP C 301 25.53 11.15 -10.87
C ASP C 301 25.73 9.71 -11.32
N LEU C 302 26.78 9.46 -12.11
CA LEU C 302 27.10 8.09 -12.52
C LEU C 302 27.48 7.23 -11.33
N VAL C 303 28.36 7.74 -10.46
CA VAL C 303 28.71 7.02 -9.24
C VAL C 303 27.47 6.71 -8.42
N LEU C 304 26.57 7.68 -8.27
CA LEU C 304 25.36 7.46 -7.47
C LEU C 304 24.47 6.43 -8.12
N ALA C 305 24.36 6.44 -9.45
CA ALA C 305 23.54 5.46 -10.14
C ALA C 305 24.10 4.07 -9.98
N GLU C 306 25.42 3.94 -9.84
CA GLU C 306 26.02 2.62 -9.59
C GLU C 306 25.71 2.11 -8.19
N ASP C 307 25.79 3.00 -7.19
CA ASP C 307 25.47 2.63 -5.80
C ASP C 307 23.99 2.32 -5.61
N LYS C 308 23.11 3.13 -6.22
CA LYS C 308 21.69 3.14 -5.84
C LYS C 308 21.02 1.77 -5.81
N PRO C 309 21.03 0.96 -6.87
CA PRO C 309 20.25 -0.29 -6.79
C PRO C 309 20.77 -1.25 -5.74
N VAL C 310 22.08 -1.30 -5.49
CA VAL C 310 22.60 -2.21 -4.48
C VAL C 310 22.24 -1.73 -3.07
N ILE C 311 22.36 -0.42 -2.79
CA ILE C 311 22.00 0.05 -1.46
C ILE C 311 20.50 -0.10 -1.22
N GLU C 312 19.69 0.19 -2.23
CA GLU C 312 18.26 0.03 -2.04
C GLU C 312 17.87 -1.43 -1.87
N SER C 313 18.70 -2.38 -2.33
CA SER C 313 18.36 -3.81 -2.18
C SER C 313 18.60 -4.33 -0.77
N GLN C 314 19.42 -3.65 0.03
CA GLN C 314 19.75 -4.16 1.35
C GLN C 314 18.49 -4.29 2.19
N TRP C 315 18.30 -5.46 2.79
CA TRP C 315 17.13 -5.73 3.63
C TRP C 315 17.49 -6.63 4.80
N PRO C 316 16.87 -6.40 5.97
CA PRO C 316 15.92 -5.31 6.27
C PRO C 316 16.57 -3.93 6.21
N LYS C 317 15.75 -2.87 6.17
CA LYS C 317 16.27 -1.53 5.91
C LYS C 317 17.27 -1.09 6.98
N ASP C 318 17.00 -1.40 8.26
CA ASP C 318 17.95 -1.18 9.35
C ASP C 318 18.84 -2.40 9.55
N ALA C 319 20.14 -2.16 9.75
CA ALA C 319 21.10 -3.25 9.90
C ALA C 319 20.77 -4.10 11.12
N PRO C 320 20.47 -5.38 10.96
CA PRO C 320 20.20 -6.22 12.12
C PRO C 320 21.49 -6.76 12.73
N ALA C 321 21.34 -7.37 13.90
CA ALA C 321 22.49 -7.88 14.64
C ALA C 321 23.16 -9.04 13.91
N ASP C 322 22.49 -9.64 12.93
CA ASP C 322 23.06 -10.84 12.33
C ASP C 322 24.04 -10.55 11.20
N GLU C 323 24.29 -9.29 10.85
CA GLU C 323 25.25 -8.99 9.80
C GLU C 323 26.66 -9.37 10.26
N VAL C 324 27.47 -9.84 9.31
CA VAL C 324 28.79 -10.40 9.60
C VAL C 324 29.85 -9.38 9.15
N SER C 325 30.61 -8.83 10.09
CA SER C 325 31.66 -7.87 9.72
C SER C 325 33.00 -8.57 9.60
N VAL C 326 33.89 -7.93 8.84
CA VAL C 326 35.28 -8.39 8.71
C VAL C 326 36.17 -7.20 9.04
N VAL C 327 37.48 -7.47 9.12
CA VAL C 327 38.39 -6.45 9.65
C VAL C 327 38.38 -5.20 8.77
N ALA C 328 38.21 -5.37 7.46
CA ALA C 328 38.13 -4.22 6.56
C ALA C 328 36.93 -3.31 6.83
N ASP C 329 35.97 -3.73 7.64
CA ASP C 329 34.77 -2.93 7.94
C ASP C 329 34.98 -1.95 9.09
N LYS C 330 36.22 -1.59 9.41
CA LYS C 330 36.46 -0.82 10.63
C LYS C 330 35.59 0.44 10.71
N VAL C 331 35.51 1.20 9.62
CA VAL C 331 34.77 2.47 9.65
C VAL C 331 33.31 2.21 10.03
N SER C 332 32.66 1.26 9.33
CA SER C 332 31.29 0.88 9.64
C SER C 332 31.14 0.38 11.08
N ILE C 333 32.08 -0.45 11.55
CA ILE C 333 31.97 -0.99 12.91
C ILE C 333 32.02 0.14 13.93
N GLN C 334 32.96 1.07 13.75
CA GLN C 334 33.12 2.16 14.72
C GLN C 334 31.93 3.12 14.64
N TYR C 335 31.42 3.35 13.44
CA TYR C 335 30.22 4.17 13.29
C TYR C 335 29.05 3.58 14.05
N ARG C 336 28.79 2.29 13.84
CA ARG C 336 27.68 1.65 14.54
C ARG C 336 27.84 1.73 16.06
N LYS C 337 29.08 1.58 16.53
CA LYS C 337 29.35 1.66 17.96
C LYS C 337 29.04 3.05 18.52
N TRP C 338 29.45 4.10 17.82
CA TRP C 338 29.20 5.44 18.33
C TRP C 338 27.71 5.74 18.30
N LEU C 339 26.99 5.34 17.24
CA LEU C 339 25.54 5.53 17.22
C LEU C 339 24.89 4.87 18.43
N ARG C 340 25.27 3.63 18.72
CA ARG C 340 24.63 2.95 19.85
C ARG C 340 24.94 3.66 21.17
N GLU C 341 26.16 4.20 21.31
CA GLU C 341 26.50 4.95 22.51
C GLU C 341 25.69 6.24 22.62
N LEU C 342 25.43 6.90 21.49
CA LEU C 342 24.63 8.13 21.53
C LEU C 342 23.20 7.81 21.92
N LYS C 343 22.66 6.73 21.36
CA LYS C 343 21.31 6.30 21.69
C LYS C 343 21.18 6.00 23.18
N GLU C 344 22.16 5.27 23.74
CA GLU C 344 22.10 4.95 25.16
C GLU C 344 22.29 6.19 26.02
N ALA C 345 23.18 7.09 25.63
CA ALA C 345 23.42 8.30 26.40
C ALA C 345 22.22 9.23 26.40
N HIS C 346 21.53 9.32 25.26
CA HIS C 346 20.29 10.10 25.21
C HIS C 346 19.32 9.67 26.30
N LYS C 347 19.18 8.37 26.55
CA LYS C 347 18.29 7.89 27.60
C LYS C 347 18.69 8.38 28.98
N GLU C 348 19.98 8.60 29.22
CA GLU C 348 20.46 9.06 30.51
C GLU C 348 20.43 10.57 30.67
N GLY C 349 20.20 11.33 29.59
CA GLY C 349 19.91 12.74 29.71
C GLY C 349 21.00 13.61 29.11
N SER C 350 20.84 14.92 29.35
CA SER C 350 21.57 15.94 28.59
C SER C 350 23.08 15.84 28.79
N GLN C 351 23.54 15.77 30.04
CA GLN C 351 24.98 15.74 30.26
C GLN C 351 25.60 14.46 29.71
N ALA C 352 24.93 13.33 29.87
CA ALA C 352 25.46 12.07 29.33
C ALA C 352 25.57 12.15 27.81
N PHE C 353 24.55 12.70 27.16
CA PHE C 353 24.58 12.85 25.71
C PHE C 353 25.70 13.79 25.26
N ARG C 354 25.86 14.93 25.94
CA ARG C 354 26.92 15.85 25.54
C ARG C 354 28.29 15.20 25.67
N SER C 355 28.50 14.40 26.72
CA SER C 355 29.79 13.73 26.88
C SER C 355 30.00 12.66 25.81
N ALA C 356 28.97 11.85 25.55
CA ALA C 356 29.08 10.84 24.49
C ALA C 356 29.38 11.48 23.13
N LEU C 357 28.76 12.64 22.85
CA LEU C 357 28.97 13.26 21.53
C LEU C 357 30.29 14.01 21.45
N LEU C 358 30.66 14.76 22.49
CA LEU C 358 31.71 15.75 22.37
C LEU C 358 33.05 15.36 23.02
N ASP C 359 33.08 14.33 23.83
CA ASP C 359 34.37 13.91 24.40
C ASP C 359 35.30 13.43 23.29
N PRO C 360 36.58 13.76 23.37
CA PRO C 360 37.53 13.31 22.36
C PRO C 360 37.96 11.86 22.61
N VAL C 361 38.24 11.16 21.52
CA VAL C 361 38.77 9.80 21.59
C VAL C 361 39.76 9.69 20.44
N ILE C 362 41.06 9.74 20.74
CA ILE C 362 42.08 9.87 19.71
C ILE C 362 42.81 8.55 19.54
N GLU C 363 42.86 8.06 18.30
CA GLU C 363 43.69 6.93 17.91
C GLU C 363 44.92 7.34 17.14
N SER C 364 44.89 8.47 16.43
CA SER C 364 45.95 8.81 15.51
C SER C 364 47.08 9.55 16.24
N ASP C 365 48.10 9.91 15.47
CA ASP C 365 49.23 10.72 15.87
C ASP C 365 48.97 12.22 15.78
N ARG C 366 47.78 12.63 15.37
CA ARG C 366 47.48 14.02 15.13
C ARG C 366 47.15 14.75 16.43
N SER C 367 47.43 16.05 16.43
CA SER C 367 47.04 16.95 17.51
C SER C 367 45.95 17.87 16.96
N TYR C 368 44.83 17.96 17.67
CA TYR C 368 43.73 18.80 17.18
C TYR C 368 43.61 20.09 17.99
FE1 FES D . -21.24 -18.97 -6.18
FE2 FES D . -20.22 -21.42 -6.46
S1 FES D . -22.22 -20.71 -7.07
S2 FES D . -19.17 -19.60 -5.70
FE FE E . -16.42 25.27 0.26
O6 37T F . -24.71 28.13 -1.99
C6 37T F . -23.96 27.20 -2.01
N1 37T F . -23.38 26.69 -0.77
C5 37T F . -23.58 26.54 -3.33
N7 37T F . -24.01 26.82 -4.72
C13 37T F . -24.92 27.87 -5.19
C8 37T F . -23.31 25.81 -5.56
N9 37T F . -22.55 25.02 -4.72
C4 37T F . -22.69 25.43 -3.35
N3 37T F . -22.10 24.89 -2.11
C12 37T F . -21.20 23.76 -2.15
C2 37T F . -22.45 25.52 -0.81
O2 37T F . -21.96 25.09 0.19
FE1 FES G . 27.56 -8.78 0.10
FE2 FES G . 29.06 -6.94 1.32
S1 FES G . 29.73 -8.61 0.06
S2 FES G . 26.86 -7.01 1.23
FE FE H . -12.64 -23.11 -15.49
O6 37T I . -9.56 -29.38 -20.41
C6 37T I . -9.36 -28.58 -19.57
N1 37T I . -9.86 -28.83 -18.22
C5 37T I . -8.59 -27.30 -19.86
N7 37T I . -7.97 -26.79 -21.10
C13 37T I . -7.97 -27.46 -22.39
C8 37T I . -7.36 -25.48 -20.75
N9 37T I . -7.60 -25.24 -19.41
C4 37T I . -8.36 -26.34 -18.83
N3 37T I . -8.86 -26.59 -17.50
C12 37T I . -8.66 -25.65 -16.43
C2 37T I . -9.61 -27.82 -17.19
O2 37T I . -10.00 -27.97 -16.08
FE1 FES J . -9.27 26.59 9.77
FE2 FES J . -6.64 26.46 9.32
S1 FES J . -8.10 24.78 9.36
S2 FES J . -7.86 28.27 9.56
FE FE K . 29.83 3.71 -4.01
O6 37T L . 35.40 10.10 -4.32
C6 37T L . 34.25 9.88 -4.19
N1 37T L . 33.82 9.04 -3.07
C5 37T L . 33.23 10.45 -5.15
N7 37T L . 33.35 11.30 -6.34
C13 37T L . 34.57 11.84 -6.91
C8 37T L . 31.95 11.51 -6.84
N9 37T L . 31.10 10.81 -5.99
C4 37T L . 31.85 10.17 -4.96
N3 37T L . 31.41 9.33 -3.85
C12 37T L . 30.01 9.07 -3.69
C2 37T L . 32.38 8.75 -2.89
O2 37T L . 31.98 8.07 -2.01
#